data_1SGG
#
_entry.id   1SGG
#
_cell.length_a   1.000
_cell.length_b   1.000
_cell.length_c   1.000
_cell.angle_alpha   90.00
_cell.angle_beta   90.00
_cell.angle_gamma   90.00
#
_symmetry.space_group_name_H-M   'P 1'
#
_entity_poly.entity_id   1
_entity_poly.type   'polypeptide(L)'
_entity_poly.pdbx_seq_one_letter_code
;DRTIPDYTSFNTVDEWLDAIKMSQYKESFASAGFTTFDIVSQMTVEDILRVGVTLAGHQKKILNSIQVMRAQMNQ
;
_entity_poly.pdbx_strand_id   A
#
# COMPACT_ATOMS: atom_id res chain seq x y z
N TYR A 7 9.62 -10.87 1.66
CA TYR A 7 9.23 -10.09 0.46
C TYR A 7 10.37 -9.16 0.03
N THR A 8 11.59 -9.63 0.06
CA THR A 8 12.73 -8.75 -0.33
C THR A 8 13.05 -8.92 -1.83
N SER A 9 12.06 -9.25 -2.62
CA SER A 9 12.31 -9.42 -4.08
C SER A 9 11.50 -8.36 -4.86
N PHE A 10 11.16 -7.28 -4.22
CA PHE A 10 10.36 -6.22 -4.92
C PHE A 10 11.30 -5.09 -5.37
N ASN A 11 10.98 -4.44 -6.45
CA ASN A 11 11.84 -3.32 -6.94
C ASN A 11 11.30 -1.99 -6.40
N THR A 12 10.01 -1.85 -6.33
CA THR A 12 9.41 -0.58 -5.83
C THR A 12 7.96 -0.83 -5.41
N VAL A 13 7.31 0.17 -4.89
CA VAL A 13 5.88 -0.01 -4.47
C VAL A 13 5.08 -0.61 -5.64
N ASP A 14 5.53 -0.38 -6.84
CA ASP A 14 4.81 -0.94 -8.03
C ASP A 14 4.84 -2.47 -7.96
N GLU A 15 5.95 -3.04 -7.57
CA GLU A 15 6.05 -4.52 -7.49
C GLU A 15 5.29 -5.02 -6.26
N TRP A 16 5.23 -4.24 -5.23
CA TRP A 16 4.49 -4.67 -3.99
C TRP A 16 2.98 -4.55 -4.23
N LEU A 17 2.52 -3.39 -4.60
CA LEU A 17 1.05 -3.22 -4.84
C LEU A 17 0.59 -4.20 -5.93
N ASP A 18 1.48 -4.59 -6.80
CA ASP A 18 1.10 -5.54 -7.88
C ASP A 18 0.77 -6.90 -7.28
N ALA A 19 1.45 -7.28 -6.24
CA ALA A 19 1.18 -8.60 -5.59
C ALA A 19 -0.19 -8.58 -4.91
N ILE A 20 -0.66 -7.42 -4.52
CA ILE A 20 -2.00 -7.35 -3.86
C ILE A 20 -3.06 -6.84 -4.84
N LYS A 21 -2.78 -6.90 -6.12
CA LYS A 21 -3.78 -6.44 -7.13
C LYS A 21 -4.17 -4.98 -6.86
N MET A 22 -3.32 -4.05 -7.20
CA MET A 22 -3.65 -2.60 -6.98
C MET A 22 -3.40 -1.82 -8.26
N SER A 23 -3.89 -2.31 -9.38
CA SER A 23 -3.69 -1.59 -10.66
C SER A 23 -4.18 -0.15 -10.58
N GLN A 24 -5.35 0.07 -10.02
CA GLN A 24 -5.88 1.47 -9.93
C GLN A 24 -5.46 2.12 -8.62
N TYR A 25 -4.26 1.86 -8.16
CA TYR A 25 -3.79 2.47 -6.88
C TYR A 25 -2.40 3.08 -7.06
N LYS A 26 -2.01 3.34 -8.29
CA LYS A 26 -0.66 3.94 -8.52
C LYS A 26 -0.65 5.41 -8.09
N GLU A 27 -1.12 6.29 -8.93
CA GLU A 27 -1.13 7.74 -8.57
C GLU A 27 -1.89 7.95 -7.25
N SER A 28 -2.73 7.02 -6.89
CA SER A 28 -3.50 7.17 -5.62
C SER A 28 -2.55 7.13 -4.42
N PHE A 29 -1.59 6.25 -4.45
CA PHE A 29 -0.63 6.14 -3.31
C PHE A 29 0.39 7.29 -3.39
N ALA A 30 0.58 7.86 -4.55
CA ALA A 30 1.56 8.97 -4.69
C ALA A 30 1.05 10.20 -3.94
N SER A 31 -0.23 10.36 -3.82
CA SER A 31 -0.78 11.53 -3.10
C SER A 31 -0.52 11.41 -1.60
N ALA A 32 -0.85 10.28 -1.01
CA ALA A 32 -0.61 10.10 0.44
C ALA A 32 0.89 10.00 0.73
N GLY A 33 1.65 9.44 -0.18
CA GLY A 33 3.11 9.32 0.04
C GLY A 33 3.51 7.85 0.16
N PHE A 34 2.69 6.97 -0.34
CA PHE A 34 3.02 5.52 -0.26
C PHE A 34 3.70 5.06 -1.55
N THR A 35 4.64 5.82 -2.05
CA THR A 35 5.32 5.43 -3.32
C THR A 35 6.69 4.79 -3.03
N THR A 36 6.91 4.34 -1.83
CA THR A 36 8.22 3.71 -1.50
C THR A 36 8.08 2.77 -0.30
N PHE A 37 9.14 2.11 0.10
CA PHE A 37 9.06 1.20 1.27
C PHE A 37 9.42 1.96 2.54
N ASP A 38 8.48 2.71 3.06
CA ASP A 38 8.73 3.49 4.31
C ASP A 38 7.47 4.26 4.70
N ILE A 39 7.16 5.33 4.02
CA ILE A 39 5.94 6.11 4.34
C ILE A 39 4.72 5.17 4.45
N VAL A 40 4.47 4.41 3.41
CA VAL A 40 3.31 3.48 3.44
C VAL A 40 3.45 2.49 4.61
N SER A 41 4.62 2.35 5.16
CA SER A 41 4.81 1.41 6.31
C SER A 41 4.60 2.15 7.63
N GLN A 42 3.61 3.00 7.70
CA GLN A 42 3.35 3.75 8.95
C GLN A 42 1.91 4.28 8.95
N MET A 43 0.97 3.47 8.55
CA MET A 43 -0.45 3.92 8.52
C MET A 43 -1.39 2.75 8.82
N THR A 44 -2.65 2.90 8.50
CA THR A 44 -3.61 1.79 8.76
C THR A 44 -4.77 1.87 7.76
N VAL A 45 -5.94 1.43 8.16
CA VAL A 45 -7.11 1.47 7.24
C VAL A 45 -7.57 2.92 7.04
N GLU A 46 -7.36 3.76 8.01
CA GLU A 46 -7.80 5.18 7.89
C GLU A 46 -7.05 5.86 6.74
N ASP A 47 -5.84 5.46 6.48
CA ASP A 47 -5.07 6.09 5.37
C ASP A 47 -5.52 5.52 4.03
N ILE A 48 -5.85 4.26 3.98
CA ILE A 48 -6.29 3.65 2.70
C ILE A 48 -7.53 4.37 2.17
N LEU A 49 -8.43 4.75 3.03
CA LEU A 49 -9.66 5.47 2.58
C LEU A 49 -9.30 6.86 2.07
N ARG A 50 -8.16 7.38 2.47
CA ARG A 50 -7.77 8.74 2.01
C ARG A 50 -7.15 8.66 0.61
N VAL A 51 -6.27 7.73 0.39
CA VAL A 51 -5.63 7.61 -0.95
C VAL A 51 -6.70 7.46 -2.04
N GLY A 52 -7.88 7.04 -1.66
CA GLY A 52 -8.97 6.88 -2.67
C GLY A 52 -9.29 5.40 -2.84
N VAL A 53 -9.01 4.60 -1.84
CA VAL A 53 -9.32 3.15 -1.94
C VAL A 53 -10.74 2.87 -1.44
N THR A 54 -11.69 3.65 -1.85
CA THR A 54 -13.09 3.44 -1.39
C THR A 54 -13.57 2.03 -1.77
N LEU A 55 -12.96 1.43 -2.76
CA LEU A 55 -13.38 0.06 -3.16
C LEU A 55 -13.37 -0.88 -1.96
N ALA A 56 -14.49 -1.48 -1.65
CA ALA A 56 -14.54 -2.40 -0.48
C ALA A 56 -13.60 -3.59 -0.71
N GLY A 57 -13.23 -4.27 0.34
CA GLY A 57 -12.30 -5.42 0.18
C GLY A 57 -10.90 -4.92 -0.16
N HIS A 58 -10.76 -4.27 -1.29
CA HIS A 58 -9.42 -3.75 -1.67
C HIS A 58 -8.85 -2.88 -0.53
N GLN A 59 -9.70 -2.13 0.11
CA GLN A 59 -9.22 -1.27 1.23
C GLN A 59 -8.69 -2.14 2.37
N LYS A 60 -9.36 -3.23 2.65
CA LYS A 60 -8.88 -4.14 3.74
C LYS A 60 -7.71 -4.98 3.26
N LYS A 61 -7.58 -5.13 1.97
CA LYS A 61 -6.45 -5.94 1.42
C LYS A 61 -5.11 -5.28 1.78
N ILE A 62 -4.94 -4.04 1.42
CA ILE A 62 -3.66 -3.34 1.74
C ILE A 62 -3.53 -3.16 3.25
N LEU A 63 -4.63 -3.21 3.97
CA LEU A 63 -4.55 -3.04 5.45
C LEU A 63 -3.49 -3.97 6.04
N ASN A 64 -3.55 -5.23 5.71
CA ASN A 64 -2.53 -6.19 6.25
C ASN A 64 -1.23 -6.04 5.46
N SER A 65 -1.29 -5.52 4.26
CA SER A 65 -0.06 -5.35 3.44
C SER A 65 0.86 -4.32 4.09
N ILE A 66 0.31 -3.24 4.60
CA ILE A 66 1.15 -2.20 5.25
C ILE A 66 2.07 -2.84 6.30
N GLN A 67 1.69 -3.98 6.81
CA GLN A 67 2.53 -4.65 7.84
C GLN A 67 3.72 -5.37 7.19
N VAL A 68 3.64 -5.68 5.92
CA VAL A 68 4.78 -6.38 5.27
C VAL A 68 6.06 -5.55 5.42
N MET A 69 5.93 -4.27 5.64
CA MET A 69 7.14 -3.42 5.79
C MET A 69 7.58 -3.38 7.25
N ARG A 70 6.70 -3.01 8.14
CA ARG A 70 7.06 -2.97 9.58
C ARG A 70 7.45 -4.36 10.07
N ALA A 71 7.04 -5.39 9.37
CA ALA A 71 7.38 -6.77 9.79
C ALA A 71 8.91 -6.94 9.89
N GLN A 72 9.62 -6.59 8.86
CA GLN A 72 11.11 -6.73 8.90
C GLN A 72 11.75 -5.45 9.44
N MET A 73 11.05 -4.35 9.38
CA MET A 73 11.63 -3.07 9.88
C MET A 73 11.66 -3.08 11.41
N TYR A 7 10.33 -10.51 1.35
CA TYR A 7 9.78 -9.85 0.13
C TYR A 7 10.72 -8.73 -0.35
N THR A 8 12.01 -8.93 -0.23
CA THR A 8 12.97 -7.88 -0.67
C THR A 8 13.34 -8.06 -2.14
N SER A 9 12.37 -8.38 -2.97
CA SER A 9 12.67 -8.57 -4.42
C SER A 9 11.94 -7.50 -5.25
N PHE A 10 10.92 -6.90 -4.69
CA PHE A 10 10.17 -5.86 -5.44
C PHE A 10 11.08 -4.66 -5.73
N ASN A 11 10.84 -3.98 -6.83
CA ASN A 11 11.68 -2.80 -7.16
C ASN A 11 11.05 -1.52 -6.59
N THR A 12 9.75 -1.48 -6.53
CA THR A 12 9.05 -0.28 -5.98
C THR A 12 7.62 -0.64 -5.58
N VAL A 13 6.90 0.28 -4.99
CA VAL A 13 5.50 -0.03 -4.59
C VAL A 13 4.74 -0.61 -5.78
N ASP A 14 5.15 -0.28 -6.97
CA ASP A 14 4.46 -0.82 -8.17
C ASP A 14 4.62 -2.35 -8.21
N GLU A 15 5.77 -2.84 -7.87
CA GLU A 15 6.00 -4.31 -7.88
C GLU A 15 5.36 -4.94 -6.65
N TRP A 16 5.21 -4.19 -5.59
CA TRP A 16 4.58 -4.76 -4.36
C TRP A 16 3.05 -4.75 -4.52
N LEU A 17 2.47 -3.62 -4.81
CA LEU A 17 0.99 -3.57 -4.96
C LEU A 17 0.56 -4.48 -6.12
N ASP A 18 1.44 -4.76 -7.03
CA ASP A 18 1.08 -5.63 -8.18
C ASP A 18 0.81 -7.05 -7.68
N ALA A 19 1.53 -7.49 -6.68
CA ALA A 19 1.31 -8.86 -6.15
C ALA A 19 -0.06 -8.95 -5.46
N ILE A 20 -0.52 -7.87 -4.89
CA ILE A 20 -1.84 -7.89 -4.21
C ILE A 20 -2.93 -7.33 -5.13
N LYS A 21 -2.67 -7.29 -6.42
CA LYS A 21 -3.69 -6.75 -7.36
C LYS A 21 -4.14 -5.36 -6.94
N MET A 22 -3.34 -4.35 -7.17
CA MET A 22 -3.74 -2.96 -6.79
C MET A 22 -3.59 -2.02 -7.98
N SER A 23 -3.93 -2.49 -9.16
CA SER A 23 -3.80 -1.62 -10.37
C SER A 23 -4.47 -0.26 -10.13
N GLN A 24 -5.43 -0.19 -9.24
CA GLN A 24 -6.10 1.11 -8.97
C GLN A 24 -5.46 1.80 -7.77
N TYR A 25 -4.22 1.53 -7.50
CA TYR A 25 -3.53 2.17 -6.34
C TYR A 25 -2.08 2.50 -6.69
N LYS A 26 -1.77 2.60 -7.95
CA LYS A 26 -0.37 2.91 -8.36
C LYS A 26 0.01 4.32 -7.92
N GLU A 27 -0.39 5.32 -8.65
CA GLU A 27 -0.05 6.72 -8.26
C GLU A 27 -0.88 7.15 -7.05
N SER A 28 -2.03 6.57 -6.87
CA SER A 28 -2.88 6.96 -5.71
C SER A 28 -2.09 6.83 -4.41
N PHE A 29 -1.35 5.76 -4.25
CA PHE A 29 -0.55 5.59 -3.00
C PHE A 29 0.60 6.60 -2.96
N ALA A 30 1.07 7.03 -4.11
CA ALA A 30 2.19 8.01 -4.13
C ALA A 30 1.73 9.36 -3.56
N SER A 31 0.45 9.59 -3.54
CA SER A 31 -0.07 10.89 -2.98
C SER A 31 0.01 10.88 -1.45
N ALA A 32 -0.51 9.85 -0.83
CA ALA A 32 -0.47 9.78 0.65
C ALA A 32 0.98 9.72 1.15
N GLY A 33 1.88 9.27 0.30
CA GLY A 33 3.30 9.19 0.72
C GLY A 33 3.75 7.73 0.75
N PHE A 34 3.05 6.87 0.06
CA PHE A 34 3.45 5.43 0.05
C PHE A 34 4.30 5.14 -1.19
N THR A 35 5.38 5.86 -1.35
CA THR A 35 6.26 5.64 -2.55
C THR A 35 7.38 4.66 -2.22
N THR A 36 8.24 4.99 -1.29
CA THR A 36 9.35 4.05 -0.94
C THR A 36 8.83 2.92 -0.05
N PHE A 37 9.69 2.06 0.40
CA PHE A 37 9.24 0.93 1.26
C PHE A 37 9.33 1.33 2.74
N ASP A 38 8.95 2.54 3.06
CA ASP A 38 9.02 3.00 4.47
C ASP A 38 7.69 3.64 4.88
N ILE A 39 7.46 4.87 4.51
CA ILE A 39 6.19 5.58 4.88
C ILE A 39 4.97 4.66 4.70
N VAL A 40 5.04 3.71 3.81
CA VAL A 40 3.87 2.81 3.60
C VAL A 40 3.61 2.00 4.86
N SER A 41 4.57 1.93 5.76
CA SER A 41 4.37 1.15 7.01
C SER A 41 3.79 2.05 8.11
N GLN A 42 2.83 2.86 7.77
CA GLN A 42 2.23 3.77 8.79
C GLN A 42 0.89 4.31 8.29
N MET A 43 -0.12 3.48 8.28
CA MET A 43 -1.45 3.95 7.79
C MET A 43 -2.57 3.45 8.71
N THR A 44 -3.78 3.39 8.22
CA THR A 44 -4.90 2.91 9.06
C THR A 44 -6.18 2.81 8.21
N VAL A 45 -7.32 2.95 8.82
CA VAL A 45 -8.59 2.86 8.04
C VAL A 45 -8.87 4.18 7.31
N GLU A 46 -8.38 5.27 7.82
CA GLU A 46 -8.63 6.58 7.16
C GLU A 46 -7.63 6.79 6.02
N ASP A 47 -6.37 6.54 6.26
CA ASP A 47 -5.35 6.73 5.19
C ASP A 47 -5.77 5.97 3.92
N ILE A 48 -6.41 4.85 4.07
CA ILE A 48 -6.84 4.08 2.88
C ILE A 48 -7.99 4.79 2.17
N LEU A 49 -9.02 5.16 2.88
CA LEU A 49 -10.16 5.87 2.25
C LEU A 49 -9.72 7.24 1.72
N ARG A 50 -8.63 7.75 2.22
CA ARG A 50 -8.15 9.08 1.75
C ARG A 50 -7.39 8.92 0.42
N VAL A 51 -6.48 8.00 0.35
CA VAL A 51 -5.71 7.80 -0.92
C VAL A 51 -6.68 7.52 -2.08
N GLY A 52 -7.88 7.11 -1.79
CA GLY A 52 -8.86 6.83 -2.88
C GLY A 52 -9.21 5.34 -2.89
N VAL A 53 -9.01 4.67 -1.79
CA VAL A 53 -9.34 3.21 -1.74
C VAL A 53 -10.78 3.01 -1.26
N THR A 54 -11.69 3.81 -1.75
CA THR A 54 -13.12 3.67 -1.34
C THR A 54 -13.62 2.26 -1.63
N LEU A 55 -13.01 1.58 -2.56
CA LEU A 55 -13.46 0.20 -2.89
C LEU A 55 -13.40 -0.69 -1.65
N ALA A 56 -14.51 -1.26 -1.26
CA ALA A 56 -14.53 -2.13 -0.05
C ALA A 56 -13.61 -3.34 -0.27
N GLY A 57 -13.23 -4.01 0.78
CA GLY A 57 -12.34 -5.20 0.64
C GLY A 57 -10.94 -4.73 0.25
N HIS A 58 -10.79 -4.10 -0.88
CA HIS A 58 -9.44 -3.61 -1.30
C HIS A 58 -8.84 -2.74 -0.19
N GLN A 59 -9.66 -1.97 0.47
CA GLN A 59 -9.13 -1.11 1.57
C GLN A 59 -8.59 -1.98 2.70
N LYS A 60 -9.27 -3.05 3.01
CA LYS A 60 -8.79 -3.94 4.11
C LYS A 60 -7.70 -4.87 3.58
N LYS A 61 -7.68 -5.10 2.29
CA LYS A 61 -6.65 -6.00 1.70
C LYS A 61 -5.25 -5.40 1.93
N ILE A 62 -5.03 -4.18 1.51
CA ILE A 62 -3.71 -3.55 1.71
C ILE A 62 -3.43 -3.38 3.21
N LEU A 63 -4.45 -3.31 4.00
CA LEU A 63 -4.25 -3.14 5.47
C LEU A 63 -3.30 -4.23 6.00
N ASN A 64 -3.52 -5.45 5.60
CA ASN A 64 -2.64 -6.56 6.07
C ASN A 64 -1.32 -6.54 5.28
N SER A 65 -1.37 -6.09 4.06
CA SER A 65 -0.13 -6.03 3.23
C SER A 65 0.80 -4.93 3.76
N ILE A 66 0.26 -3.80 4.10
CA ILE A 66 1.11 -2.68 4.62
C ILE A 66 2.01 -3.19 5.76
N GLN A 67 1.61 -4.25 6.41
CA GLN A 67 2.43 -4.79 7.52
C GLN A 67 3.72 -5.41 6.97
N VAL A 68 3.72 -5.83 5.74
CA VAL A 68 4.96 -6.42 5.15
C VAL A 68 6.12 -5.43 5.26
N MET A 69 5.83 -4.16 5.41
CA MET A 69 6.91 -3.15 5.52
C MET A 69 7.49 -3.16 6.94
N ARG A 70 6.65 -2.98 7.94
CA ARG A 70 7.15 -2.97 9.33
C ARG A 70 7.72 -4.35 9.69
N ALA A 71 7.35 -5.36 8.97
CA ALA A 71 7.89 -6.72 9.27
C ALA A 71 9.41 -6.70 9.33
N GLN A 72 10.05 -6.22 8.30
CA GLN A 72 11.53 -6.18 8.29
C GLN A 72 12.03 -4.85 8.88
N MET A 73 11.19 -3.85 8.93
CA MET A 73 11.63 -2.55 9.50
C MET A 73 11.48 -2.54 11.02
N TYR A 7 9.80 -11.10 1.40
CA TYR A 7 9.29 -10.38 0.19
C TYR A 7 10.29 -9.30 -0.24
N THR A 8 11.55 -9.50 0.01
CA THR A 8 12.56 -8.48 -0.39
C THR A 8 12.93 -8.63 -1.87
N SER A 9 11.95 -8.66 -2.74
CA SER A 9 12.25 -8.79 -4.19
C SER A 9 11.50 -7.72 -4.99
N PHE A 10 11.00 -6.71 -4.33
CA PHE A 10 10.26 -5.64 -5.07
C PHE A 10 11.15 -4.40 -5.22
N ASN A 11 10.97 -3.65 -6.27
CA ASN A 11 11.80 -2.43 -6.47
C ASN A 11 11.10 -1.22 -5.87
N THR A 12 9.79 -1.20 -5.91
CA THR A 12 9.03 -0.05 -5.34
C THR A 12 7.59 -0.46 -5.07
N VAL A 13 6.82 0.42 -4.48
CA VAL A 13 5.39 0.08 -4.20
C VAL A 13 4.72 -0.45 -5.47
N ASP A 14 5.21 -0.06 -6.62
CA ASP A 14 4.61 -0.56 -7.89
C ASP A 14 4.78 -2.08 -7.99
N GLU A 15 5.94 -2.58 -7.64
CA GLU A 15 6.17 -4.04 -7.71
C GLU A 15 5.51 -4.73 -6.51
N TRP A 16 5.29 -4.01 -5.45
CA TRP A 16 4.64 -4.62 -4.25
C TRP A 16 3.13 -4.66 -4.44
N LEU A 17 2.51 -3.54 -4.70
CA LEU A 17 1.04 -3.53 -4.89
C LEU A 17 0.65 -4.47 -6.03
N ASP A 18 1.56 -4.75 -6.93
CA ASP A 18 1.24 -5.67 -8.06
C ASP A 18 0.94 -7.06 -7.51
N ALA A 19 1.59 -7.46 -6.46
CA ALA A 19 1.34 -8.82 -5.89
C ALA A 19 -0.06 -8.87 -5.27
N ILE A 20 -0.50 -7.80 -4.67
CA ILE A 20 -1.86 -7.80 -4.06
C ILE A 20 -2.91 -7.25 -5.05
N LYS A 21 -2.57 -7.20 -6.31
CA LYS A 21 -3.55 -6.68 -7.32
C LYS A 21 -4.05 -5.30 -6.90
N MET A 22 -3.27 -4.27 -7.12
CA MET A 22 -3.70 -2.90 -6.74
C MET A 22 -3.56 -1.96 -7.94
N SER A 23 -3.87 -2.43 -9.13
CA SER A 23 -3.75 -1.56 -10.34
C SER A 23 -4.42 -0.20 -10.11
N GLN A 24 -5.40 -0.14 -9.25
CA GLN A 24 -6.09 1.15 -8.99
C GLN A 24 -5.47 1.86 -7.78
N TYR A 25 -4.21 1.61 -7.52
CA TYR A 25 -3.55 2.27 -6.36
C TYR A 25 -2.09 2.60 -6.69
N LYS A 26 -1.74 2.62 -7.95
CA LYS A 26 -0.33 2.94 -8.32
C LYS A 26 0.00 4.39 -7.97
N GLU A 27 -0.40 5.31 -8.79
CA GLU A 27 -0.11 6.75 -8.50
C GLU A 27 -0.99 7.25 -7.35
N SER A 28 -2.09 6.59 -7.11
CA SER A 28 -2.99 7.03 -6.01
C SER A 28 -2.27 6.95 -4.67
N PHE A 29 -1.54 5.89 -4.43
CA PHE A 29 -0.80 5.75 -3.14
C PHE A 29 0.27 6.84 -3.03
N ALA A 30 0.73 7.35 -4.14
CA ALA A 30 1.77 8.41 -4.09
C ALA A 30 1.21 9.68 -3.44
N SER A 31 -0.08 9.84 -3.43
CA SER A 31 -0.69 11.05 -2.81
C SER A 31 -0.52 11.01 -1.29
N ALA A 32 -0.77 9.88 -0.69
CA ALA A 32 -0.62 9.78 0.79
C ALA A 32 0.86 9.71 1.17
N GLY A 33 1.69 9.23 0.28
CA GLY A 33 3.14 9.15 0.59
C GLY A 33 3.59 7.67 0.59
N PHE A 34 2.81 6.80 0.02
CA PHE A 34 3.19 5.37 -0.01
C PHE A 34 3.91 5.04 -1.33
N THR A 35 4.97 5.75 -1.62
CA THR A 35 5.71 5.50 -2.90
C THR A 35 6.91 4.56 -2.67
N THR A 36 7.80 4.93 -1.78
CA THR A 36 8.98 4.04 -1.54
C THR A 36 8.60 2.91 -0.60
N PHE A 37 9.53 2.08 -0.22
CA PHE A 37 9.19 0.95 0.70
C PHE A 37 9.41 1.36 2.16
N ASP A 38 9.02 2.57 2.49
CA ASP A 38 9.19 3.04 3.89
C ASP A 38 7.90 3.70 4.40
N ILE A 39 7.64 4.92 4.02
CA ILE A 39 6.41 5.63 4.48
C ILE A 39 5.18 4.71 4.43
N VAL A 40 5.17 3.76 3.54
CA VAL A 40 3.99 2.84 3.46
C VAL A 40 3.83 2.06 4.77
N SER A 41 4.86 2.02 5.58
CA SER A 41 4.76 1.27 6.86
C SER A 41 4.40 2.22 8.00
N GLN A 42 3.50 3.14 7.75
CA GLN A 42 3.10 4.11 8.81
C GLN A 42 1.70 4.64 8.54
N MET A 43 0.78 3.77 8.19
CA MET A 43 -0.61 4.23 7.91
C MET A 43 -1.62 3.16 8.35
N THR A 44 -2.84 3.56 8.60
CA THR A 44 -3.87 2.57 9.04
C THR A 44 -4.99 2.49 8.00
N VAL A 45 -6.11 1.92 8.37
CA VAL A 45 -7.25 1.82 7.41
C VAL A 45 -7.74 3.21 7.02
N GLU A 46 -7.53 4.19 7.87
CA GLU A 46 -7.99 5.57 7.56
C GLU A 46 -7.20 6.13 6.37
N ASP A 47 -5.90 6.06 6.42
CA ASP A 47 -5.08 6.59 5.29
C ASP A 47 -5.52 5.93 3.98
N ILE A 48 -6.06 4.76 4.04
CA ILE A 48 -6.50 4.07 2.79
C ILE A 48 -7.70 4.81 2.18
N LEU A 49 -8.74 5.01 2.95
CA LEU A 49 -9.94 5.72 2.42
C LEU A 49 -9.55 7.12 1.92
N ARG A 50 -8.42 7.62 2.34
CA ARG A 50 -7.99 8.98 1.88
C ARG A 50 -7.30 8.87 0.53
N VAL A 51 -6.37 7.96 0.40
CA VAL A 51 -5.66 7.81 -0.91
C VAL A 51 -6.66 7.59 -2.05
N GLY A 52 -7.85 7.15 -1.73
CA GLY A 52 -8.87 6.93 -2.79
C GLY A 52 -9.23 5.44 -2.85
N VAL A 53 -9.10 4.74 -1.76
CA VAL A 53 -9.44 3.30 -1.77
C VAL A 53 -10.89 3.08 -1.31
N THR A 54 -11.79 3.87 -1.81
CA THR A 54 -13.22 3.72 -1.39
C THR A 54 -13.72 2.31 -1.70
N LEU A 55 -13.09 1.64 -2.63
CA LEU A 55 -13.52 0.26 -2.98
C LEU A 55 -13.49 -0.63 -1.73
N ALA A 56 -14.62 -1.17 -1.35
CA ALA A 56 -14.65 -2.05 -0.14
C ALA A 56 -13.77 -3.28 -0.36
N GLY A 57 -13.40 -3.96 0.69
CA GLY A 57 -12.54 -5.16 0.55
C GLY A 57 -11.12 -4.73 0.17
N HIS A 58 -10.96 -4.09 -0.96
CA HIS A 58 -9.60 -3.64 -1.36
C HIS A 58 -8.96 -2.81 -0.25
N GLN A 59 -9.77 -2.02 0.43
CA GLN A 59 -9.22 -1.19 1.55
C GLN A 59 -8.66 -2.09 2.64
N LYS A 60 -9.34 -3.17 2.94
CA LYS A 60 -8.83 -4.10 3.99
C LYS A 60 -7.76 -5.02 3.41
N LYS A 61 -7.78 -5.22 2.12
CA LYS A 61 -6.76 -6.10 1.49
C LYS A 61 -5.37 -5.52 1.69
N ILE A 62 -5.17 -4.29 1.29
CA ILE A 62 -3.83 -3.66 1.47
C ILE A 62 -3.48 -3.56 2.96
N LEU A 63 -4.48 -3.61 3.81
CA LEU A 63 -4.21 -3.53 5.28
C LEU A 63 -3.13 -4.54 5.68
N ASN A 64 -3.33 -5.79 5.34
CA ASN A 64 -2.32 -6.83 5.70
C ASN A 64 -1.06 -6.63 4.86
N SER A 65 -1.18 -5.98 3.74
CA SER A 65 0.02 -5.75 2.88
C SER A 65 0.91 -4.66 3.49
N ILE A 66 0.34 -3.51 3.76
CA ILE A 66 1.14 -2.39 4.36
C ILE A 66 1.94 -2.91 5.56
N GLN A 67 1.48 -3.96 6.20
CA GLN A 67 2.21 -4.49 7.37
C GLN A 67 3.47 -5.24 6.93
N VAL A 68 3.53 -5.66 5.70
CA VAL A 68 4.74 -6.40 5.23
C VAL A 68 6.00 -5.56 5.48
N MET A 69 5.84 -4.27 5.61
CA MET A 69 7.02 -3.39 5.88
C MET A 69 7.27 -3.25 7.38
N ARG A 70 6.27 -2.82 8.11
CA ARG A 70 6.45 -2.66 9.57
C ARG A 70 6.98 -3.95 10.20
N ALA A 71 6.78 -5.06 9.56
CA ALA A 71 7.29 -6.35 10.12
C ALA A 71 8.82 -6.41 10.05
N GLN A 72 9.37 -6.23 8.88
CA GLN A 72 10.85 -6.29 8.74
C GLN A 72 11.47 -4.89 8.95
N MET A 73 10.68 -3.87 8.75
CA MET A 73 11.23 -2.48 8.93
C MET A 73 11.33 -2.13 10.41
N TYR A 7 9.82 -11.05 1.43
CA TYR A 7 9.26 -10.35 0.23
C TYR A 7 10.25 -9.30 -0.28
N THR A 8 11.52 -9.50 -0.08
CA THR A 8 12.52 -8.51 -0.54
C THR A 8 12.81 -8.69 -2.04
N SER A 9 11.80 -8.74 -2.86
CA SER A 9 12.03 -8.92 -4.33
C SER A 9 11.28 -7.84 -5.11
N PHE A 10 10.82 -6.80 -4.45
CA PHE A 10 10.08 -5.73 -5.17
C PHE A 10 10.99 -4.52 -5.39
N ASN A 11 10.87 -3.86 -6.52
CA ASN A 11 11.72 -2.68 -6.79
C ASN A 11 11.06 -1.42 -6.23
N THR A 12 9.75 -1.39 -6.22
CA THR A 12 9.03 -0.20 -5.69
C THR A 12 7.60 -0.57 -5.32
N VAL A 13 6.85 0.35 -4.75
CA VAL A 13 5.45 0.04 -4.40
C VAL A 13 4.71 -0.53 -5.61
N ASP A 14 5.15 -0.20 -6.79
CA ASP A 14 4.50 -0.74 -8.01
C ASP A 14 4.63 -2.26 -8.05
N GLU A 15 5.78 -2.77 -7.70
CA GLU A 15 5.98 -4.25 -7.72
C GLU A 15 5.32 -4.87 -6.48
N TRP A 16 5.15 -4.11 -5.43
CA TRP A 16 4.52 -4.65 -4.20
C TRP A 16 2.99 -4.65 -4.36
N LEU A 17 2.42 -3.52 -4.66
CA LEU A 17 0.93 -3.46 -4.81
C LEU A 17 0.48 -4.44 -5.90
N ASP A 18 1.37 -4.80 -6.79
CA ASP A 18 1.00 -5.75 -7.87
C ASP A 18 0.68 -7.13 -7.27
N ALA A 19 1.39 -7.52 -6.26
CA ALA A 19 1.13 -8.84 -5.63
C ALA A 19 -0.24 -8.85 -4.95
N ILE A 20 -0.69 -7.70 -4.52
CA ILE A 20 -2.03 -7.64 -3.84
C ILE A 20 -3.09 -7.12 -4.81
N LYS A 21 -2.84 -7.20 -6.09
CA LYS A 21 -3.84 -6.72 -7.08
C LYS A 21 -4.25 -5.28 -6.78
N MET A 22 -3.44 -4.32 -7.14
CA MET A 22 -3.78 -2.89 -6.88
C MET A 22 -3.61 -2.08 -8.16
N SER A 23 -4.45 -2.30 -9.13
CA SER A 23 -4.34 -1.54 -10.42
C SER A 23 -4.58 -0.04 -10.18
N GLN A 24 -5.73 0.32 -9.69
CA GLN A 24 -6.02 1.77 -9.46
C GLN A 24 -5.51 2.21 -8.09
N TYR A 25 -4.29 1.88 -7.76
CA TYR A 25 -3.74 2.29 -6.43
C TYR A 25 -2.31 2.82 -6.60
N LYS A 26 -1.88 3.08 -7.80
CA LYS A 26 -0.50 3.59 -8.01
C LYS A 26 -0.43 5.09 -7.68
N GLU A 27 -0.81 5.94 -8.60
CA GLU A 27 -0.77 7.39 -8.32
C GLU A 27 -1.53 7.72 -7.03
N SER A 28 -2.50 6.90 -6.69
CA SER A 28 -3.28 7.16 -5.43
C SER A 28 -2.37 7.02 -4.21
N PHE A 29 -1.48 6.06 -4.23
CA PHE A 29 -0.57 5.86 -3.07
C PHE A 29 0.57 6.88 -3.12
N ALA A 30 0.85 7.41 -4.28
CA ALA A 30 1.96 8.41 -4.40
C ALA A 30 1.55 9.72 -3.72
N SER A 31 0.26 9.96 -3.60
CA SER A 31 -0.19 11.22 -2.95
C SER A 31 -0.10 11.10 -1.42
N ALA A 32 -0.63 10.05 -0.88
CA ALA A 32 -0.57 9.87 0.61
C ALA A 32 0.89 9.80 1.07
N GLY A 33 1.78 9.35 0.22
CA GLY A 33 3.21 9.25 0.61
C GLY A 33 3.65 7.79 0.62
N PHE A 34 2.90 6.92 0.02
CA PHE A 34 3.29 5.47 -0.01
C PHE A 34 4.07 5.17 -1.28
N THR A 35 5.14 5.89 -1.52
CA THR A 35 5.94 5.65 -2.77
C THR A 35 7.13 4.72 -2.47
N THR A 36 8.01 5.11 -1.59
CA THR A 36 9.18 4.24 -1.28
C THR A 36 8.75 3.11 -0.33
N PHE A 37 9.68 2.29 0.10
CA PHE A 37 9.30 1.18 1.03
C PHE A 37 9.46 1.63 2.47
N ASP A 38 9.06 2.83 2.77
CA ASP A 38 9.17 3.35 4.17
C ASP A 38 7.84 3.97 4.62
N ILE A 39 7.56 5.18 4.22
CA ILE A 39 6.28 5.85 4.62
C ILE A 39 5.08 4.90 4.51
N VAL A 40 5.15 3.93 3.63
CA VAL A 40 4.00 2.98 3.50
C VAL A 40 3.82 2.19 4.80
N SER A 41 4.82 2.17 5.65
CA SER A 41 4.70 1.42 6.92
C SER A 41 4.20 2.34 8.04
N GLN A 42 3.32 3.24 7.71
CA GLN A 42 2.79 4.18 8.74
C GLN A 42 1.42 4.71 8.31
N MET A 43 0.54 3.84 7.90
CA MET A 43 -0.80 4.29 7.46
C MET A 43 -1.86 3.23 7.79
N THR A 44 -2.98 3.63 8.32
CA THR A 44 -4.04 2.64 8.66
C THR A 44 -5.24 2.79 7.71
N VAL A 45 -6.36 2.24 8.06
CA VAL A 45 -7.55 2.35 7.18
C VAL A 45 -7.83 3.81 6.84
N GLU A 46 -7.66 4.69 7.79
CA GLU A 46 -7.90 6.14 7.52
C GLU A 46 -7.12 6.60 6.28
N ASP A 47 -5.89 6.19 6.18
CA ASP A 47 -5.08 6.60 4.99
C ASP A 47 -5.61 5.93 3.72
N ILE A 48 -5.87 4.65 3.77
CA ILE A 48 -6.40 3.94 2.57
C ILE A 48 -7.66 4.64 2.07
N LEU A 49 -8.63 4.84 2.91
CA LEU A 49 -9.88 5.51 2.47
C LEU A 49 -9.57 6.91 1.91
N ARG A 50 -8.44 7.45 2.27
CA ARG A 50 -8.07 8.81 1.75
C ARG A 50 -7.35 8.68 0.41
N VAL A 51 -6.44 7.76 0.29
CA VAL A 51 -5.71 7.58 -0.99
C VAL A 51 -6.70 7.36 -2.14
N GLY A 52 -7.89 6.94 -1.83
CA GLY A 52 -8.90 6.70 -2.90
C GLY A 52 -9.25 5.21 -2.97
N VAL A 53 -9.03 4.49 -1.89
CA VAL A 53 -9.36 3.03 -1.90
C VAL A 53 -10.80 2.81 -1.43
N THR A 54 -11.71 3.62 -1.89
CA THR A 54 -13.14 3.46 -1.47
C THR A 54 -13.62 2.05 -1.79
N LEU A 55 -13.01 1.39 -2.74
CA LEU A 55 -13.45 0.01 -3.09
C LEU A 55 -13.38 -0.89 -1.86
N ALA A 56 -14.47 -1.55 -1.54
CA ALA A 56 -14.47 -2.44 -0.35
C ALA A 56 -13.55 -3.63 -0.59
N GLY A 57 -13.18 -4.33 0.46
CA GLY A 57 -12.27 -5.50 0.28
C GLY A 57 -10.86 -5.01 -0.07
N HIS A 58 -10.71 -4.35 -1.19
CA HIS A 58 -9.37 -3.85 -1.58
C HIS A 58 -8.79 -3.00 -0.45
N GLN A 59 -9.62 -2.25 0.22
CA GLN A 59 -9.12 -1.40 1.34
C GLN A 59 -8.60 -2.29 2.48
N LYS A 60 -9.29 -3.37 2.76
CA LYS A 60 -8.82 -4.28 3.84
C LYS A 60 -7.68 -5.16 3.34
N LYS A 61 -7.59 -5.35 2.04
CA LYS A 61 -6.50 -6.19 1.49
C LYS A 61 -5.14 -5.55 1.78
N ILE A 62 -4.96 -4.31 1.40
CA ILE A 62 -3.66 -3.64 1.67
C ILE A 62 -3.43 -3.50 3.18
N LEU A 63 -4.49 -3.55 3.94
CA LEU A 63 -4.35 -3.42 5.43
C LEU A 63 -3.26 -4.37 5.95
N ASN A 64 -3.32 -5.62 5.57
CA ASN A 64 -2.29 -6.58 6.02
C ASN A 64 -1.01 -6.42 5.20
N SER A 65 -1.11 -5.84 4.04
CA SER A 65 0.09 -5.63 3.19
C SER A 65 0.99 -4.55 3.79
N ILE A 66 0.41 -3.44 4.18
CA ILE A 66 1.25 -2.35 4.78
C ILE A 66 2.12 -2.90 5.91
N GLN A 67 1.71 -4.00 6.50
CA GLN A 67 2.51 -4.59 7.61
C GLN A 67 3.74 -5.32 7.06
N VAL A 68 3.74 -5.66 5.79
CA VAL A 68 4.92 -6.37 5.23
C VAL A 68 6.19 -5.53 5.45
N MET A 69 6.04 -4.25 5.67
CA MET A 69 7.23 -3.40 5.90
C MET A 69 7.56 -3.34 7.40
N ARG A 70 6.60 -2.99 8.22
CA ARG A 70 6.86 -2.92 9.68
C ARG A 70 7.30 -4.29 10.21
N ALA A 71 7.00 -5.34 9.49
CA ALA A 71 7.40 -6.70 9.96
C ALA A 71 8.92 -6.84 9.95
N GLN A 72 9.55 -6.60 8.83
CA GLN A 72 11.03 -6.73 8.75
C GLN A 72 11.70 -5.47 9.34
N MET A 73 11.01 -4.37 9.35
CA MET A 73 11.60 -3.13 9.91
C MET A 73 11.55 -3.15 11.44
N TYR A 7 9.53 -11.08 1.64
CA TYR A 7 8.97 -10.17 0.60
C TYR A 7 10.05 -9.22 0.07
N THR A 8 11.29 -9.64 0.06
CA THR A 8 12.37 -8.74 -0.44
C THR A 8 12.60 -8.96 -1.94
N SER A 9 11.54 -9.16 -2.69
CA SER A 9 11.70 -9.38 -4.15
C SER A 9 11.00 -8.26 -4.93
N PHE A 10 10.73 -7.16 -4.28
CA PHE A 10 10.05 -6.03 -4.99
C PHE A 10 11.05 -4.91 -5.28
N ASN A 11 10.85 -4.19 -6.35
CA ASN A 11 11.77 -3.07 -6.68
C ASN A 11 11.20 -1.75 -6.19
N THR A 12 9.90 -1.63 -6.16
CA THR A 12 9.27 -0.36 -5.69
C THR A 12 7.81 -0.62 -5.30
N VAL A 13 7.14 0.37 -4.77
CA VAL A 13 5.72 0.18 -4.38
C VAL A 13 4.92 -0.39 -5.56
N ASP A 14 5.39 -0.14 -6.75
CA ASP A 14 4.67 -0.67 -7.96
C ASP A 14 4.69 -2.19 -7.96
N GLU A 15 5.78 -2.78 -7.56
CA GLU A 15 5.86 -4.27 -7.54
C GLU A 15 5.11 -4.82 -6.32
N TRP A 16 4.96 -4.02 -5.29
CA TRP A 16 4.24 -4.50 -4.08
C TRP A 16 2.72 -4.35 -4.27
N LEU A 17 2.27 -3.18 -4.64
CA LEU A 17 0.81 -2.99 -4.83
C LEU A 17 0.28 -3.91 -5.95
N ASP A 18 1.13 -4.28 -6.87
CA ASP A 18 0.66 -5.17 -7.98
C ASP A 18 0.40 -6.58 -7.45
N ALA A 19 1.17 -7.04 -6.51
CA ALA A 19 0.96 -8.41 -5.96
C ALA A 19 -0.29 -8.44 -5.07
N ILE A 20 -0.78 -7.30 -4.67
CA ILE A 20 -2.00 -7.30 -3.80
C ILE A 20 -3.23 -6.85 -4.59
N LYS A 21 -3.27 -7.15 -5.86
CA LYS A 21 -4.46 -6.75 -6.69
C LYS A 21 -4.71 -5.25 -6.58
N MET A 22 -4.11 -4.49 -7.45
CA MET A 22 -4.32 -3.01 -7.42
C MET A 22 -4.28 -2.45 -8.85
N SER A 23 -5.39 -2.44 -9.51
CA SER A 23 -5.45 -1.92 -10.92
C SER A 23 -4.68 -0.60 -11.05
N GLN A 24 -5.09 0.41 -10.34
CA GLN A 24 -4.38 1.73 -10.45
C GLN A 24 -4.25 2.38 -9.07
N TYR A 25 -3.44 1.83 -8.22
CA TYR A 25 -3.25 2.43 -6.86
C TYR A 25 -1.88 3.11 -6.76
N LYS A 26 -0.99 2.81 -7.67
CA LYS A 26 0.37 3.45 -7.61
C LYS A 26 0.24 4.98 -7.56
N GLU A 27 -0.18 5.58 -8.63
CA GLU A 27 -0.32 7.06 -8.64
C GLU A 27 -1.18 7.52 -7.46
N SER A 28 -2.17 6.76 -7.10
CA SER A 28 -3.05 7.15 -5.95
C SER A 28 -2.25 7.07 -4.64
N PHE A 29 -1.50 6.01 -4.46
CA PHE A 29 -0.71 5.87 -3.21
C PHE A 29 0.30 7.01 -3.09
N ALA A 30 0.77 7.51 -4.21
CA ALA A 30 1.76 8.63 -4.15
C ALA A 30 1.13 9.86 -3.49
N SER A 31 -0.15 10.05 -3.68
CA SER A 31 -0.82 11.23 -3.06
C SER A 31 -0.59 11.23 -1.55
N ALA A 32 -0.88 10.15 -0.89
CA ALA A 32 -0.68 10.08 0.59
C ALA A 32 0.83 10.03 0.91
N GLY A 33 1.62 9.56 -0.02
CA GLY A 33 3.09 9.49 0.24
C GLY A 33 3.52 8.03 0.38
N PHE A 34 2.72 7.12 -0.10
CA PHE A 34 3.10 5.67 0.01
C PHE A 34 3.86 5.23 -1.25
N THR A 35 4.76 6.04 -1.73
CA THR A 35 5.52 5.67 -2.96
C THR A 35 6.75 4.82 -2.63
N THR A 36 7.05 4.62 -1.37
CA THR A 36 8.24 3.79 -1.01
C THR A 36 7.90 2.84 0.14
N PHE A 37 8.88 2.12 0.63
CA PHE A 37 8.60 1.18 1.76
C PHE A 37 8.85 1.87 3.10
N ASP A 38 8.41 3.10 3.22
CA ASP A 38 8.61 3.85 4.49
C ASP A 38 7.28 4.48 4.94
N ILE A 39 6.92 5.60 4.37
CA ILE A 39 5.64 6.26 4.75
C ILE A 39 4.50 5.24 4.75
N VAL A 40 4.39 4.45 3.71
CA VAL A 40 3.30 3.44 3.65
C VAL A 40 3.51 2.36 4.73
N SER A 41 4.69 2.28 5.29
CA SER A 41 4.93 1.27 6.36
C SER A 41 4.71 1.92 7.73
N GLN A 42 3.73 2.77 7.84
CA GLN A 42 3.46 3.44 9.15
C GLN A 42 2.10 4.14 9.10
N MET A 43 1.07 3.42 8.73
CA MET A 43 -0.28 4.04 8.66
C MET A 43 -1.35 3.01 9.03
N THR A 44 -2.59 3.30 8.74
CA THR A 44 -3.69 2.36 9.07
C THR A 44 -4.80 2.45 8.03
N VAL A 45 -5.95 1.88 8.31
CA VAL A 45 -7.07 1.95 7.33
C VAL A 45 -7.46 3.40 7.05
N GLU A 46 -7.34 4.25 8.04
CA GLU A 46 -7.71 5.68 7.83
C GLU A 46 -6.96 6.25 6.61
N ASP A 47 -5.82 5.69 6.29
CA ASP A 47 -5.04 6.20 5.13
C ASP A 47 -5.54 5.56 3.83
N ILE A 48 -5.79 4.28 3.85
CA ILE A 48 -6.28 3.60 2.62
C ILE A 48 -7.53 4.30 2.09
N LEU A 49 -8.37 4.79 2.96
CA LEU A 49 -9.61 5.48 2.49
C LEU A 49 -9.26 6.85 1.91
N ARG A 50 -8.14 7.39 2.28
CA ARG A 50 -7.74 8.73 1.75
C ARG A 50 -7.08 8.60 0.38
N VAL A 51 -6.21 7.63 0.24
CA VAL A 51 -5.54 7.44 -1.08
C VAL A 51 -6.57 7.29 -2.20
N GLY A 52 -7.77 6.93 -1.86
CA GLY A 52 -8.83 6.76 -2.91
C GLY A 52 -9.17 5.28 -3.08
N VAL A 53 -8.88 4.47 -2.08
CA VAL A 53 -9.20 3.02 -2.19
C VAL A 53 -10.55 2.73 -1.55
N THR A 54 -11.55 3.50 -1.88
CA THR A 54 -12.90 3.27 -1.28
C THR A 54 -13.43 1.87 -1.65
N LEU A 55 -12.89 1.27 -2.68
CA LEU A 55 -13.37 -0.08 -3.08
C LEU A 55 -13.33 -1.03 -1.88
N ALA A 56 -14.40 -1.73 -1.64
CA ALA A 56 -14.44 -2.68 -0.48
C ALA A 56 -13.46 -3.83 -0.71
N GLY A 57 -13.05 -4.50 0.33
CA GLY A 57 -12.10 -5.63 0.17
C GLY A 57 -10.72 -5.08 -0.19
N HIS A 58 -10.61 -4.44 -1.33
CA HIS A 58 -9.29 -3.88 -1.73
C HIS A 58 -8.75 -2.97 -0.63
N GLN A 59 -9.62 -2.28 0.06
CA GLN A 59 -9.17 -1.38 1.15
C GLN A 59 -8.65 -2.21 2.34
N LYS A 60 -9.32 -3.29 2.65
CA LYS A 60 -8.86 -4.13 3.79
C LYS A 60 -7.71 -5.02 3.34
N LYS A 61 -7.61 -5.30 2.07
CA LYS A 61 -6.50 -6.16 1.56
C LYS A 61 -5.16 -5.48 1.81
N ILE A 62 -5.02 -4.25 1.39
CA ILE A 62 -3.72 -3.54 1.61
C ILE A 62 -3.51 -3.26 3.10
N LEU A 63 -4.58 -3.20 3.85
CA LEU A 63 -4.45 -2.93 5.31
C LEU A 63 -3.39 -3.86 5.93
N ASN A 64 -3.53 -5.14 5.73
CA ASN A 64 -2.53 -6.09 6.30
C ASN A 64 -1.22 -5.99 5.51
N SER A 65 -1.28 -5.52 4.30
CA SER A 65 -0.05 -5.40 3.48
C SER A 65 0.88 -4.34 4.07
N ILE A 66 0.33 -3.29 4.61
CA ILE A 66 1.19 -2.21 5.20
C ILE A 66 2.16 -2.83 6.23
N GLN A 67 1.83 -3.97 6.75
CA GLN A 67 2.72 -4.62 7.75
C GLN A 67 3.89 -5.32 7.06
N VAL A 68 3.77 -5.62 5.79
CA VAL A 68 4.90 -6.31 5.10
C VAL A 68 6.18 -5.47 5.22
N MET A 69 6.05 -4.20 5.48
CA MET A 69 7.25 -3.33 5.62
C MET A 69 7.71 -3.31 7.08
N ARG A 70 6.84 -2.94 7.97
CA ARG A 70 7.23 -2.89 9.42
C ARG A 70 7.70 -4.27 9.88
N ALA A 71 7.31 -5.30 9.19
CA ALA A 71 7.73 -6.67 9.59
C ALA A 71 9.26 -6.78 9.56
N GLN A 72 9.87 -6.43 8.46
CA GLN A 72 11.35 -6.52 8.37
C GLN A 72 11.99 -5.26 8.95
N MET A 73 11.25 -4.19 9.04
CA MET A 73 11.83 -2.92 9.60
C MET A 73 11.81 -2.98 11.13
N TYR A 7 9.58 -11.32 1.06
CA TYR A 7 9.00 -10.38 0.06
C TYR A 7 10.03 -9.29 -0.31
N THR A 8 11.30 -9.60 -0.28
CA THR A 8 12.33 -8.59 -0.62
C THR A 8 12.65 -8.63 -2.11
N SER A 9 11.66 -8.81 -2.94
CA SER A 9 11.91 -8.86 -4.42
C SER A 9 11.17 -7.71 -5.10
N PHE A 10 10.80 -6.70 -4.38
CA PHE A 10 10.08 -5.56 -5.00
C PHE A 10 10.99 -4.33 -5.10
N ASN A 11 10.79 -3.50 -6.09
CA ASN A 11 11.65 -2.29 -6.23
C ASN A 11 10.95 -1.08 -5.61
N THR A 12 9.64 -1.07 -5.64
CA THR A 12 8.89 0.09 -5.06
C THR A 12 7.45 -0.33 -4.75
N VAL A 13 6.69 0.54 -4.15
CA VAL A 13 5.27 0.19 -3.82
C VAL A 13 4.57 -0.34 -5.07
N ASP A 14 5.04 0.03 -6.22
CA ASP A 14 4.41 -0.46 -7.48
C ASP A 14 4.61 -1.97 -7.62
N GLU A 15 5.80 -2.44 -7.35
CA GLU A 15 6.06 -3.90 -7.46
C GLU A 15 5.48 -4.64 -6.24
N TRP A 16 5.30 -3.94 -5.16
CA TRP A 16 4.73 -4.59 -3.94
C TRP A 16 3.21 -4.68 -4.06
N LEU A 17 2.53 -3.59 -4.30
CA LEU A 17 1.05 -3.65 -4.42
C LEU A 17 0.66 -4.67 -5.51
N ASP A 18 1.54 -4.93 -6.43
CA ASP A 18 1.22 -5.92 -7.51
C ASP A 18 0.94 -7.30 -6.89
N ALA A 19 1.66 -7.65 -5.85
CA ALA A 19 1.44 -8.97 -5.21
C ALA A 19 0.05 -9.03 -4.57
N ILE A 20 -0.58 -7.90 -4.39
CA ILE A 20 -1.94 -7.90 -3.77
C ILE A 20 -2.99 -7.40 -4.77
N LYS A 21 -2.77 -7.61 -6.04
CA LYS A 21 -3.75 -7.15 -7.06
C LYS A 21 -4.14 -5.68 -6.83
N MET A 22 -3.28 -4.78 -7.20
CA MET A 22 -3.60 -3.33 -7.02
C MET A 22 -3.41 -2.57 -8.33
N SER A 23 -4.25 -2.82 -9.30
CA SER A 23 -4.11 -2.12 -10.61
C SER A 23 -4.97 -0.85 -10.63
N GLN A 24 -5.14 -0.22 -9.49
CA GLN A 24 -5.97 1.02 -9.46
C GLN A 24 -5.46 1.95 -8.35
N TYR A 25 -4.20 1.86 -8.01
CA TYR A 25 -3.65 2.74 -6.94
C TYR A 25 -2.28 3.26 -7.35
N LYS A 26 -2.04 3.43 -8.63
CA LYS A 26 -0.73 3.93 -9.09
C LYS A 26 -0.53 5.39 -8.62
N GLU A 27 -1.10 6.33 -9.33
CA GLU A 27 -0.93 7.76 -8.93
C GLU A 27 -1.68 8.02 -7.61
N SER A 28 -2.65 7.22 -7.29
CA SER A 28 -3.40 7.43 -6.02
C SER A 28 -2.47 7.32 -4.82
N PHE A 29 -1.76 6.23 -4.70
CA PHE A 29 -0.83 6.06 -3.55
C PHE A 29 0.35 7.04 -3.67
N ALA A 30 0.61 7.50 -4.86
CA ALA A 30 1.75 8.46 -5.05
C ALA A 30 1.45 9.78 -4.35
N SER A 31 0.20 10.06 -4.08
CA SER A 31 -0.15 11.34 -3.40
C SER A 31 -0.09 11.17 -1.88
N ALA A 32 -0.72 10.15 -1.37
CA ALA A 32 -0.70 9.93 0.11
C ALA A 32 0.75 9.81 0.60
N GLY A 33 1.63 9.28 -0.22
CA GLY A 33 3.05 9.14 0.20
C GLY A 33 3.42 7.65 0.25
N PHE A 34 2.66 6.80 -0.37
CA PHE A 34 2.99 5.35 -0.36
C PHE A 34 3.81 4.99 -1.60
N THR A 35 4.90 5.68 -1.83
CA THR A 35 5.74 5.37 -3.02
C THR A 35 6.96 4.54 -2.62
N THR A 36 7.84 5.09 -1.84
CA THR A 36 9.05 4.30 -1.43
C THR A 36 8.68 3.33 -0.31
N PHE A 37 9.64 2.65 0.24
CA PHE A 37 9.32 1.68 1.34
C PHE A 37 9.54 2.36 2.70
N ASP A 38 8.50 2.96 3.22
CA ASP A 38 8.62 3.64 4.55
C ASP A 38 7.26 4.23 4.94
N ILE A 39 6.87 5.33 4.33
CA ILE A 39 5.56 5.96 4.65
C ILE A 39 4.45 4.89 4.66
N VAL A 40 4.27 4.20 3.56
CA VAL A 40 3.20 3.15 3.52
C VAL A 40 3.46 2.09 4.61
N SER A 41 4.65 2.04 5.14
CA SER A 41 4.95 1.05 6.20
C SER A 41 4.70 1.65 7.58
N GLN A 42 3.69 2.47 7.71
CA GLN A 42 3.40 3.10 9.02
C GLN A 42 2.02 3.78 8.97
N MET A 43 1.10 3.23 8.23
CA MET A 43 -0.25 3.84 8.13
C MET A 43 -1.29 2.96 8.83
N THR A 44 -2.54 3.23 8.62
CA THR A 44 -3.62 2.42 9.27
C THR A 44 -4.77 2.20 8.29
N VAL A 45 -5.98 2.09 8.78
CA VAL A 45 -7.14 1.88 7.88
C VAL A 45 -7.59 3.21 7.27
N GLU A 46 -7.50 4.28 8.03
CA GLU A 46 -7.92 5.60 7.50
C GLU A 46 -6.98 6.05 6.38
N ASP A 47 -5.72 5.80 6.51
CA ASP A 47 -4.76 6.22 5.44
C ASP A 47 -5.06 5.48 4.14
N ILE A 48 -5.73 4.37 4.21
CA ILE A 48 -6.06 3.62 2.96
C ILE A 48 -7.22 4.28 2.22
N LEU A 49 -8.32 4.48 2.88
CA LEU A 49 -9.49 5.12 2.22
C LEU A 49 -9.19 6.59 1.90
N ARG A 50 -8.16 7.15 2.50
CA ARG A 50 -7.83 8.57 2.23
C ARG A 50 -7.31 8.73 0.79
N VAL A 51 -6.39 7.90 0.39
CA VAL A 51 -5.85 8.00 -1.00
C VAL A 51 -6.99 7.87 -2.02
N GLY A 52 -8.10 7.33 -1.63
CA GLY A 52 -9.24 7.18 -2.57
C GLY A 52 -9.53 5.69 -2.80
N VAL A 53 -9.13 4.85 -1.90
CA VAL A 53 -9.39 3.39 -2.08
C VAL A 53 -10.83 3.07 -1.67
N THR A 54 -11.79 3.71 -2.28
CA THR A 54 -13.21 3.45 -1.93
C THR A 54 -13.59 2.01 -2.31
N LEU A 55 -12.85 1.41 -3.21
CA LEU A 55 -13.18 0.01 -3.61
C LEU A 55 -13.22 -0.89 -2.39
N ALA A 56 -14.39 -1.36 -2.02
CA ALA A 56 -14.49 -2.24 -0.82
C ALA A 56 -13.53 -3.42 -0.96
N GLY A 57 -13.01 -3.91 0.14
CA GLY A 57 -12.07 -5.06 0.08
C GLY A 57 -10.65 -4.53 -0.12
N HIS A 58 -10.38 -3.91 -1.24
CA HIS A 58 -9.02 -3.37 -1.48
C HIS A 58 -8.62 -2.43 -0.33
N GLN A 59 -9.58 -1.73 0.21
CA GLN A 59 -9.27 -0.80 1.34
C GLN A 59 -8.78 -1.61 2.54
N LYS A 60 -9.39 -2.73 2.81
CA LYS A 60 -8.95 -3.57 3.96
C LYS A 60 -7.83 -4.50 3.50
N LYS A 61 -7.77 -4.79 2.23
CA LYS A 61 -6.70 -5.69 1.71
C LYS A 61 -5.33 -5.06 1.96
N ILE A 62 -5.14 -3.84 1.54
CA ILE A 62 -3.82 -3.18 1.75
C ILE A 62 -3.49 -3.14 3.24
N LEU A 63 -4.49 -3.08 4.09
CA LEU A 63 -4.25 -3.03 5.56
C LEU A 63 -3.25 -4.12 5.97
N ASN A 64 -3.53 -5.35 5.62
CA ASN A 64 -2.59 -6.45 5.99
C ASN A 64 -1.26 -6.26 5.23
N SER A 65 -1.28 -5.53 4.15
CA SER A 65 -0.03 -5.30 3.37
C SER A 65 0.88 -4.31 4.10
N ILE A 66 0.34 -3.55 5.02
CA ILE A 66 1.19 -2.57 5.75
C ILE A 66 2.11 -3.30 6.74
N GLN A 67 1.79 -4.53 7.06
CA GLN A 67 2.63 -5.30 8.02
C GLN A 67 3.86 -5.88 7.31
N VAL A 68 3.73 -6.24 6.06
CA VAL A 68 4.90 -6.81 5.33
C VAL A 68 6.09 -5.84 5.38
N MET A 69 5.83 -4.59 5.64
CA MET A 69 6.94 -3.60 5.70
C MET A 69 7.48 -3.49 7.13
N ARG A 70 6.63 -3.22 8.08
CA ARG A 70 7.09 -3.12 9.49
C ARG A 70 7.61 -4.48 9.98
N ALA A 71 7.19 -5.54 9.36
CA ALA A 71 7.66 -6.89 9.78
C ALA A 71 9.17 -7.01 9.60
N GLN A 72 9.66 -6.72 8.42
CA GLN A 72 11.12 -6.82 8.17
C GLN A 72 11.84 -5.58 8.70
N MET A 73 11.12 -4.50 8.87
CA MET A 73 11.76 -3.26 9.38
C MET A 73 11.95 -3.34 10.90
N TYR A 7 9.28 -11.26 1.18
CA TYR A 7 8.82 -10.42 0.04
C TYR A 7 9.92 -9.45 -0.40
N THR A 8 11.16 -9.82 -0.20
CA THR A 8 12.28 -8.91 -0.59
C THR A 8 12.55 -9.01 -2.10
N SER A 9 11.55 -8.85 -2.92
CA SER A 9 11.77 -8.93 -4.39
C SER A 9 11.07 -7.77 -5.10
N PHE A 10 10.71 -6.74 -4.38
CA PHE A 10 10.04 -5.58 -5.02
C PHE A 10 11.00 -4.40 -5.15
N ASN A 11 10.83 -3.58 -6.15
CA ASN A 11 11.74 -2.42 -6.32
C ASN A 11 11.06 -1.15 -5.79
N THR A 12 9.76 -1.12 -5.82
CA THR A 12 9.01 0.09 -5.32
C THR A 12 7.57 -0.29 -5.01
N VAL A 13 6.81 0.63 -4.45
CA VAL A 13 5.39 0.31 -4.13
C VAL A 13 4.69 -0.24 -5.38
N ASP A 14 5.17 0.11 -6.53
CA ASP A 14 4.54 -0.38 -7.78
C ASP A 14 4.69 -1.90 -7.88
N GLU A 15 5.85 -2.41 -7.54
CA GLU A 15 6.07 -3.88 -7.61
C GLU A 15 5.39 -4.57 -6.42
N TRP A 16 5.19 -3.85 -5.34
CA TRP A 16 4.54 -4.46 -4.15
C TRP A 16 3.01 -4.46 -4.33
N LEU A 17 2.43 -3.31 -4.59
CA LEU A 17 0.96 -3.25 -4.76
C LEU A 17 0.52 -4.22 -5.87
N ASP A 18 1.41 -4.56 -6.75
CA ASP A 18 1.04 -5.50 -7.86
C ASP A 18 0.75 -6.90 -7.29
N ALA A 19 1.24 -7.19 -6.11
CA ALA A 19 0.99 -8.52 -5.51
C ALA A 19 -0.38 -8.55 -4.84
N ILE A 20 -0.83 -7.44 -4.32
CA ILE A 20 -2.16 -7.42 -3.66
C ILE A 20 -3.24 -6.97 -4.65
N LYS A 21 -2.98 -7.11 -5.92
CA LYS A 21 -3.99 -6.70 -6.95
C LYS A 21 -4.40 -5.24 -6.74
N MET A 22 -3.48 -4.33 -6.88
CA MET A 22 -3.82 -2.89 -6.69
C MET A 22 -3.36 -2.08 -7.92
N SER A 23 -3.50 -2.63 -9.09
CA SER A 23 -3.07 -1.90 -10.31
C SER A 23 -3.75 -0.53 -10.39
N GLN A 24 -4.89 -0.38 -9.75
CA GLN A 24 -5.59 0.94 -9.80
C GLN A 24 -5.18 1.81 -8.60
N TYR A 25 -4.01 1.59 -8.06
CA TYR A 25 -3.56 2.38 -6.90
C TYR A 25 -2.18 2.98 -7.16
N LYS A 26 -1.82 3.14 -8.41
CA LYS A 26 -0.48 3.71 -8.73
C LYS A 26 -0.38 5.14 -8.18
N GLU A 27 -0.94 6.09 -8.88
CA GLU A 27 -0.87 7.50 -8.40
C GLU A 27 -1.76 7.68 -7.16
N SER A 28 -2.72 6.83 -6.98
CA SER A 28 -3.62 6.94 -5.80
C SER A 28 -2.80 6.83 -4.50
N PHE A 29 -2.02 5.81 -4.37
CA PHE A 29 -1.20 5.65 -3.13
C PHE A 29 -0.12 6.73 -3.07
N ALA A 30 0.46 7.06 -4.19
CA ALA A 30 1.53 8.11 -4.19
C ALA A 30 1.00 9.40 -3.57
N SER A 31 -0.31 9.57 -3.54
CA SER A 31 -0.88 10.81 -2.95
C SER A 31 -0.62 10.86 -1.45
N ALA A 32 -1.00 9.84 -0.74
CA ALA A 32 -0.77 9.83 0.74
C ALA A 32 0.73 9.76 1.04
N GLY A 33 1.51 9.32 0.10
CA GLY A 33 2.98 9.24 0.33
C GLY A 33 3.43 7.78 0.32
N PHE A 34 2.69 6.93 -0.34
CA PHE A 34 3.06 5.48 -0.40
C PHE A 34 3.90 5.22 -1.65
N THR A 35 5.00 5.92 -1.80
CA THR A 35 5.85 5.70 -3.01
C THR A 35 7.05 4.81 -2.67
N THR A 36 7.91 5.24 -1.78
CA THR A 36 9.09 4.41 -1.43
C THR A 36 8.70 3.41 -0.33
N PHE A 37 9.63 2.60 0.12
CA PHE A 37 9.31 1.62 1.18
C PHE A 37 9.53 2.25 2.56
N ASP A 38 8.52 2.89 3.09
CA ASP A 38 8.65 3.53 4.43
C ASP A 38 7.31 4.16 4.83
N ILE A 39 6.96 5.28 4.24
CA ILE A 39 5.67 5.95 4.58
C ILE A 39 4.53 4.92 4.57
N VAL A 40 4.31 4.26 3.47
CA VAL A 40 3.21 3.25 3.41
C VAL A 40 3.45 2.16 4.47
N SER A 41 4.65 2.05 4.97
CA SER A 41 4.93 1.02 6.01
C SER A 41 4.74 1.62 7.41
N GLN A 42 3.74 2.44 7.58
CA GLN A 42 3.50 3.07 8.91
C GLN A 42 2.14 3.77 8.91
N MET A 43 1.20 3.28 8.16
CA MET A 43 -0.14 3.93 8.12
C MET A 43 -1.22 2.98 8.65
N THR A 44 -2.45 3.38 8.59
CA THR A 44 -3.55 2.49 9.10
C THR A 44 -4.63 2.32 8.03
N VAL A 45 -5.86 2.14 8.43
CA VAL A 45 -6.95 1.97 7.42
C VAL A 45 -7.55 3.33 7.05
N GLU A 46 -7.41 4.30 7.91
CA GLU A 46 -7.98 5.65 7.61
C GLU A 46 -7.22 6.29 6.45
N ASP A 47 -5.99 5.93 6.25
CA ASP A 47 -5.19 6.53 5.14
C ASP A 47 -5.60 5.89 3.80
N ILE A 48 -5.87 4.62 3.80
CA ILE A 48 -6.27 3.95 2.53
C ILE A 48 -7.44 4.68 1.89
N LEU A 49 -8.40 5.09 2.67
CA LEU A 49 -9.58 5.82 2.10
C LEU A 49 -9.15 7.19 1.57
N ARG A 50 -7.98 7.65 1.93
CA ARG A 50 -7.52 8.98 1.45
C ARG A 50 -6.93 8.86 0.03
N VAL A 51 -5.97 7.98 -0.14
CA VAL A 51 -5.35 7.82 -1.49
C VAL A 51 -6.44 7.58 -2.54
N GLY A 52 -7.57 7.05 -2.15
CA GLY A 52 -8.66 6.80 -3.13
C GLY A 52 -8.97 5.30 -3.17
N VAL A 53 -8.80 4.61 -2.08
CA VAL A 53 -9.10 3.15 -2.06
C VAL A 53 -10.55 2.92 -1.63
N THR A 54 -11.47 3.69 -2.14
CA THR A 54 -12.89 3.53 -1.76
C THR A 54 -13.36 2.11 -2.07
N LEU A 55 -12.71 1.44 -3.00
CA LEU A 55 -13.12 0.06 -3.34
C LEU A 55 -13.18 -0.82 -2.08
N ALA A 56 -14.33 -1.34 -1.77
CA ALA A 56 -14.45 -2.20 -0.55
C ALA A 56 -13.53 -3.42 -0.68
N GLY A 57 -13.22 -4.06 0.42
CA GLY A 57 -12.33 -5.26 0.37
C GLY A 57 -10.91 -4.82 0.05
N HIS A 58 -10.68 -4.23 -1.10
CA HIS A 58 -9.32 -3.76 -1.45
C HIS A 58 -8.76 -2.86 -0.34
N GLN A 59 -9.63 -2.09 0.28
CA GLN A 59 -9.15 -1.20 1.38
C GLN A 59 -8.70 -2.03 2.58
N LYS A 60 -9.43 -3.07 2.89
CA LYS A 60 -9.03 -3.92 4.04
C LYS A 60 -7.91 -4.88 3.64
N LYS A 61 -7.77 -5.13 2.36
CA LYS A 61 -6.68 -6.04 1.90
C LYS A 61 -5.32 -5.41 2.19
N ILE A 62 -5.11 -4.19 1.79
CA ILE A 62 -3.80 -3.53 2.05
C ILE A 62 -3.52 -3.49 3.55
N LEU A 63 -4.55 -3.44 4.36
CA LEU A 63 -4.33 -3.40 5.84
C LEU A 63 -3.32 -4.46 6.27
N ASN A 64 -3.48 -5.66 5.78
CA ASN A 64 -2.52 -6.75 6.15
C ASN A 64 -1.21 -6.56 5.39
N SER A 65 -1.25 -5.86 4.29
CA SER A 65 0.00 -5.64 3.50
C SER A 65 0.85 -4.55 4.14
N ILE A 66 0.24 -3.50 4.61
CA ILE A 66 1.03 -2.40 5.26
C ILE A 66 1.97 -2.99 6.32
N GLN A 67 1.63 -4.14 6.85
CA GLN A 67 2.50 -4.76 7.88
C GLN A 67 3.65 -5.51 7.22
N VAL A 68 3.52 -5.84 5.96
CA VAL A 68 4.62 -6.57 5.27
C VAL A 68 5.93 -5.81 5.41
N MET A 69 5.85 -4.52 5.63
CA MET A 69 7.09 -3.73 5.77
C MET A 69 7.54 -3.67 7.22
N ARG A 70 6.68 -3.24 8.11
CA ARG A 70 7.06 -3.17 9.55
C ARG A 70 7.60 -4.52 10.02
N ALA A 71 7.23 -5.58 9.35
CA ALA A 71 7.72 -6.93 9.77
C ALA A 71 9.25 -6.97 9.78
N GLN A 72 9.88 -6.62 8.69
CA GLN A 72 11.36 -6.64 8.65
C GLN A 72 11.94 -5.28 9.08
N MET A 73 11.17 -4.23 8.98
CA MET A 73 11.69 -2.90 9.39
C MET A 73 11.66 -2.75 10.92
N TYR A 7 9.51 -11.25 0.78
CA TYR A 7 9.01 -10.38 -0.33
C TYR A 7 10.07 -9.34 -0.70
N THR A 8 11.33 -9.65 -0.51
CA THR A 8 12.40 -8.67 -0.85
C THR A 8 12.68 -8.69 -2.36
N SER A 9 11.67 -8.52 -3.18
CA SER A 9 11.90 -8.53 -4.65
C SER A 9 11.16 -7.36 -5.31
N PHE A 10 10.74 -6.38 -4.53
CA PHE A 10 10.02 -5.23 -5.12
C PHE A 10 10.94 -4.02 -5.23
N ASN A 11 10.88 -3.30 -6.31
CA ASN A 11 11.76 -2.10 -6.47
C ASN A 11 11.08 -0.88 -5.84
N THR A 12 9.77 -0.87 -5.82
CA THR A 12 9.04 0.28 -5.23
C THR A 12 7.61 -0.12 -4.89
N VAL A 13 6.87 0.75 -4.24
CA VAL A 13 5.45 0.41 -3.90
C VAL A 13 4.72 -0.07 -5.16
N ASP A 14 5.16 0.35 -6.31
CA ASP A 14 4.49 -0.08 -7.57
C ASP A 14 4.62 -1.60 -7.74
N GLU A 15 5.79 -2.13 -7.44
CA GLU A 15 5.98 -3.60 -7.60
C GLU A 15 5.34 -4.35 -6.43
N TRP A 16 5.16 -3.70 -5.32
CA TRP A 16 4.53 -4.38 -4.15
C TRP A 16 2.99 -4.35 -4.30
N LEU A 17 2.42 -3.20 -4.48
CA LEU A 17 0.94 -3.11 -4.63
C LEU A 17 0.48 -4.02 -5.77
N ASP A 18 1.34 -4.30 -6.72
CA ASP A 18 0.94 -5.17 -7.85
C ASP A 18 0.79 -6.63 -7.39
N ALA A 19 1.38 -6.96 -6.27
CA ALA A 19 1.26 -8.36 -5.77
C ALA A 19 -0.02 -8.54 -4.95
N ILE A 20 -0.61 -7.46 -4.51
CA ILE A 20 -1.87 -7.58 -3.71
C ILE A 20 -3.09 -7.25 -4.57
N LYS A 21 -2.97 -7.42 -5.86
CA LYS A 21 -4.12 -7.14 -6.77
C LYS A 21 -4.69 -5.74 -6.52
N MET A 22 -4.04 -4.72 -7.03
CA MET A 22 -4.54 -3.33 -6.83
C MET A 22 -4.67 -2.64 -8.19
N SER A 23 -3.59 -2.53 -8.92
CA SER A 23 -3.62 -1.87 -10.27
C SER A 23 -3.97 -0.38 -10.18
N GLN A 24 -5.12 -0.05 -9.64
CA GLN A 24 -5.51 1.39 -9.55
C GLN A 24 -5.03 2.00 -8.22
N TYR A 25 -3.88 1.60 -7.76
CA TYR A 25 -3.37 2.16 -6.47
C TYR A 25 -1.98 2.78 -6.67
N LYS A 26 -1.32 2.51 -7.77
CA LYS A 26 0.03 3.08 -8.00
C LYS A 26 -0.01 4.61 -7.83
N GLU A 27 -0.45 5.31 -8.84
CA GLU A 27 -0.51 6.79 -8.74
C GLU A 27 -1.33 7.21 -7.53
N SER A 28 -2.17 6.35 -7.04
CA SER A 28 -3.01 6.70 -5.85
C SER A 28 -2.15 6.68 -4.58
N PHE A 29 -1.50 5.58 -4.30
CA PHE A 29 -0.65 5.51 -3.08
C PHE A 29 0.53 6.48 -3.18
N ALA A 30 0.87 6.88 -4.38
CA ALA A 30 2.01 7.84 -4.55
C ALA A 30 1.60 9.24 -4.10
N SER A 31 0.32 9.51 -4.06
CA SER A 31 -0.14 10.87 -3.64
C SER A 31 -0.16 10.97 -2.11
N ALA A 32 -0.55 9.92 -1.44
CA ALA A 32 -0.58 9.97 0.05
C ALA A 32 0.83 9.91 0.63
N GLY A 33 1.77 9.44 -0.14
CA GLY A 33 3.17 9.36 0.37
C GLY A 33 3.61 7.89 0.46
N PHE A 34 2.95 7.03 -0.26
CA PHE A 34 3.33 5.58 -0.21
C PHE A 34 4.17 5.22 -1.44
N THR A 35 5.29 5.88 -1.63
CA THR A 35 6.15 5.58 -2.81
C THR A 35 7.32 4.67 -2.42
N THR A 36 8.20 5.13 -1.56
CA THR A 36 9.35 4.29 -1.16
C THR A 36 8.89 3.28 -0.10
N PHE A 37 9.80 2.48 0.41
CA PHE A 37 9.40 1.48 1.44
C PHE A 37 9.61 2.08 2.85
N ASP A 38 8.60 2.74 3.36
CA ASP A 38 8.72 3.35 4.72
C ASP A 38 7.39 4.02 5.09
N ILE A 39 7.10 5.17 4.54
CA ILE A 39 5.83 5.87 4.85
C ILE A 39 4.65 4.90 4.76
N VAL A 40 4.47 4.28 3.63
CA VAL A 40 3.33 3.32 3.48
C VAL A 40 3.44 2.22 4.53
N SER A 41 4.60 2.03 5.11
CA SER A 41 4.75 0.98 6.16
C SER A 41 4.45 1.57 7.54
N GLN A 42 3.41 2.35 7.65
CA GLN A 42 3.06 2.96 8.96
C GLN A 42 1.68 3.61 8.88
N MET A 43 0.81 3.07 8.06
CA MET A 43 -0.56 3.65 7.92
C MET A 43 -1.62 2.61 8.26
N THR A 44 -2.87 3.00 8.27
CA THR A 44 -3.96 2.03 8.58
C THR A 44 -5.07 2.13 7.53
N VAL A 45 -6.27 1.74 7.89
CA VAL A 45 -7.38 1.81 6.91
C VAL A 45 -7.78 3.27 6.67
N GLU A 46 -7.45 4.15 7.57
CA GLU A 46 -7.81 5.58 7.38
C GLU A 46 -7.14 6.14 6.13
N ASP A 47 -5.84 6.13 6.08
CA ASP A 47 -5.13 6.66 4.88
C ASP A 47 -5.64 5.98 3.61
N ILE A 48 -5.92 4.70 3.69
CA ILE A 48 -6.43 3.97 2.48
C ILE A 48 -7.64 4.70 1.90
N LEU A 49 -8.55 5.13 2.75
CA LEU A 49 -9.76 5.84 2.24
C LEU A 49 -9.37 7.18 1.62
N ARG A 50 -8.21 7.69 1.94
CA ARG A 50 -7.78 8.99 1.36
C ARG A 50 -7.17 8.78 -0.04
N VAL A 51 -6.29 7.83 -0.17
CA VAL A 51 -5.66 7.57 -1.50
C VAL A 51 -6.76 7.33 -2.56
N GLY A 52 -7.93 6.95 -2.14
CA GLY A 52 -9.03 6.71 -3.11
C GLY A 52 -9.39 5.21 -3.11
N VAL A 53 -9.09 4.53 -2.04
CA VAL A 53 -9.43 3.07 -1.97
C VAL A 53 -10.83 2.88 -1.36
N THR A 54 -11.77 3.69 -1.76
CA THR A 54 -13.15 3.56 -1.21
C THR A 54 -13.70 2.15 -1.46
N LEU A 55 -13.17 1.48 -2.46
CA LEU A 55 -13.67 0.10 -2.76
C LEU A 55 -13.57 -0.78 -1.52
N ALA A 56 -14.64 -1.42 -1.15
CA ALA A 56 -14.60 -2.30 0.06
C ALA A 56 -13.68 -3.50 -0.18
N GLY A 57 -13.25 -4.15 0.86
CA GLY A 57 -12.35 -5.32 0.68
C GLY A 57 -10.97 -4.84 0.23
N HIS A 58 -10.89 -4.23 -0.92
CA HIS A 58 -9.57 -3.73 -1.41
C HIS A 58 -8.94 -2.82 -0.35
N GLN A 59 -9.74 -2.07 0.35
CA GLN A 59 -9.19 -1.17 1.40
C GLN A 59 -8.65 -2.01 2.58
N LYS A 60 -9.35 -3.04 2.95
CA LYS A 60 -8.88 -3.89 4.07
C LYS A 60 -7.75 -4.81 3.61
N LYS A 61 -7.67 -5.06 2.33
CA LYS A 61 -6.58 -5.94 1.81
C LYS A 61 -5.22 -5.28 2.07
N ILE A 62 -5.03 -4.08 1.62
CA ILE A 62 -3.73 -3.39 1.84
C ILE A 62 -3.48 -3.21 3.34
N LEU A 63 -4.52 -3.20 4.13
CA LEU A 63 -4.35 -3.04 5.60
C LEU A 63 -3.36 -4.08 6.14
N ASN A 64 -3.57 -5.32 5.80
CA ASN A 64 -2.64 -6.38 6.28
C ASN A 64 -1.36 -6.38 5.44
N SER A 65 -1.44 -5.91 4.22
CA SER A 65 -0.23 -5.87 3.36
C SER A 65 0.75 -4.82 3.87
N ILE A 66 0.25 -3.66 4.23
CA ILE A 66 1.16 -2.59 4.74
C ILE A 66 2.07 -3.13 5.84
N GLN A 67 1.64 -4.18 6.51
CA GLN A 67 2.48 -4.76 7.59
C GLN A 67 3.66 -5.55 6.99
N VAL A 68 3.57 -5.93 5.75
CA VAL A 68 4.69 -6.70 5.14
C VAL A 68 6.00 -5.91 5.27
N MET A 69 5.90 -4.62 5.42
CA MET A 69 7.15 -3.79 5.56
C MET A 69 7.55 -3.68 7.03
N ARG A 70 6.64 -3.23 7.87
CA ARG A 70 6.98 -3.10 9.32
C ARG A 70 7.49 -4.43 9.87
N ALA A 71 7.17 -5.52 9.21
CA ALA A 71 7.63 -6.84 9.70
C ALA A 71 9.16 -6.87 9.78
N GLN A 72 9.83 -6.52 8.71
CA GLN A 72 11.32 -6.52 8.74
C GLN A 72 11.85 -5.18 9.25
N MET A 73 11.06 -4.14 9.14
CA MET A 73 11.51 -2.80 9.62
C MET A 73 11.49 -2.75 11.14
N TYR A 7 10.03 -10.79 1.16
CA TYR A 7 9.45 -10.00 0.03
C TYR A 7 10.43 -8.89 -0.41
N THR A 8 11.71 -9.14 -0.30
CA THR A 8 12.70 -8.10 -0.72
C THR A 8 13.02 -8.21 -2.21
N SER A 9 12.03 -8.41 -3.03
CA SER A 9 12.28 -8.53 -4.49
C SER A 9 11.55 -7.41 -5.24
N PHE A 10 10.59 -6.78 -4.62
CA PHE A 10 9.85 -5.68 -5.30
C PHE A 10 10.76 -4.47 -5.51
N ASN A 11 10.52 -3.71 -6.55
CA ASN A 11 11.38 -2.51 -6.81
C ASN A 11 10.73 -1.28 -6.16
N THR A 12 9.44 -1.25 -6.11
CA THR A 12 8.73 -0.08 -5.50
C THR A 12 7.29 -0.47 -5.17
N VAL A 13 6.55 0.43 -4.56
CA VAL A 13 5.13 0.11 -4.21
C VAL A 13 4.40 -0.42 -5.46
N ASP A 14 4.87 -0.06 -6.62
CA ASP A 14 4.21 -0.54 -7.87
C ASP A 14 4.38 -2.06 -7.98
N GLU A 15 5.55 -2.56 -7.71
CA GLU A 15 5.77 -4.04 -7.79
C GLU A 15 5.16 -4.72 -6.58
N TRP A 16 5.00 -4.00 -5.50
CA TRP A 16 4.41 -4.62 -4.27
C TRP A 16 2.87 -4.66 -4.41
N LEU A 17 2.26 -3.53 -4.66
CA LEU A 17 0.78 -3.52 -4.81
C LEU A 17 0.35 -4.46 -5.96
N ASP A 18 1.25 -4.73 -6.86
CA ASP A 18 0.90 -5.63 -8.01
C ASP A 18 0.61 -7.04 -7.49
N ALA A 19 1.35 -7.51 -6.52
CA ALA A 19 1.12 -8.87 -5.98
C ALA A 19 -0.22 -8.94 -5.24
N ILE A 20 -0.80 -7.81 -4.93
CA ILE A 20 -2.11 -7.81 -4.20
C ILE A 20 -3.22 -7.25 -5.09
N LYS A 21 -3.13 -7.47 -6.37
CA LYS A 21 -4.18 -6.98 -7.30
C LYS A 21 -4.49 -5.50 -7.04
N MET A 22 -3.55 -4.62 -7.31
CA MET A 22 -3.81 -3.16 -7.10
C MET A 22 -3.22 -2.36 -8.25
N SER A 23 -3.34 -2.85 -9.45
CA SER A 23 -2.78 -2.12 -10.63
C SER A 23 -3.27 -0.67 -10.66
N GLN A 24 -4.40 -0.39 -10.04
CA GLN A 24 -4.91 1.01 -10.07
C GLN A 24 -4.68 1.70 -8.72
N TYR A 25 -3.57 1.41 -8.07
CA TYR A 25 -3.28 2.06 -6.77
C TYR A 25 -1.92 2.76 -6.81
N LYS A 26 -1.42 3.06 -7.98
CA LYS A 26 -0.10 3.73 -8.09
C LYS A 26 -0.21 5.19 -7.64
N GLU A 27 -0.68 6.06 -8.49
CA GLU A 27 -0.81 7.50 -8.10
C GLU A 27 -1.58 7.63 -6.79
N SER A 28 -2.56 6.79 -6.57
CA SER A 28 -3.34 6.87 -5.30
C SER A 28 -2.40 6.80 -4.09
N PHE A 29 -1.59 5.79 -4.02
CA PHE A 29 -0.66 5.67 -2.86
C PHE A 29 0.45 6.72 -2.97
N ALA A 30 0.69 7.24 -4.15
CA ALA A 30 1.74 8.27 -4.31
C ALA A 30 1.29 9.60 -3.70
N SER A 31 0.01 9.78 -3.56
CA SER A 31 -0.50 11.05 -2.96
C SER A 31 -0.33 11.03 -1.44
N ALA A 32 -0.72 9.96 -0.80
CA ALA A 32 -0.58 9.87 0.68
C ALA A 32 0.90 9.79 1.07
N GLY A 33 1.72 9.29 0.18
CA GLY A 33 3.18 9.17 0.49
C GLY A 33 3.60 7.71 0.50
N PHE A 34 2.80 6.84 -0.07
CA PHE A 34 3.16 5.39 -0.10
C PHE A 34 3.88 5.06 -1.41
N THR A 35 4.99 5.71 -1.68
CA THR A 35 5.73 5.44 -2.94
C THR A 35 6.90 4.48 -2.70
N THR A 36 7.82 4.83 -1.84
CA THR A 36 8.97 3.92 -1.57
C THR A 36 8.54 2.81 -0.61
N PHE A 37 9.44 1.96 -0.21
CA PHE A 37 9.07 0.87 0.74
C PHE A 37 9.30 1.31 2.18
N ASP A 38 8.96 2.53 2.49
CA ASP A 38 9.15 3.03 3.88
C ASP A 38 7.86 3.71 4.39
N ILE A 39 7.62 4.94 3.98
CA ILE A 39 6.39 5.66 4.43
C ILE A 39 5.16 4.75 4.40
N VAL A 40 5.14 3.78 3.53
CA VAL A 40 3.94 2.88 3.47
C VAL A 40 3.80 2.10 4.78
N SER A 41 4.83 2.06 5.57
CA SER A 41 4.74 1.31 6.86
C SER A 41 4.34 2.25 8.00
N GLN A 42 3.38 3.10 7.75
CA GLN A 42 2.94 4.06 8.81
C GLN A 42 1.52 4.56 8.51
N MET A 43 0.74 3.77 7.83
CA MET A 43 -0.66 4.20 7.51
C MET A 43 -1.66 3.15 7.98
N THR A 44 -2.77 3.58 8.52
CA THR A 44 -3.79 2.61 9.01
C THR A 44 -4.92 2.47 7.98
N VAL A 45 -6.08 2.08 8.43
CA VAL A 45 -7.23 1.93 7.48
C VAL A 45 -7.73 3.31 7.03
N GLU A 46 -7.54 4.32 7.84
CA GLU A 46 -8.01 5.68 7.47
C GLU A 46 -7.24 6.18 6.24
N ASP A 47 -5.94 6.08 6.26
CA ASP A 47 -5.14 6.55 5.09
C ASP A 47 -5.64 5.89 3.80
N ILE A 48 -5.99 4.64 3.87
CA ILE A 48 -6.48 3.94 2.65
C ILE A 48 -7.78 4.60 2.15
N LEU A 49 -8.64 4.99 3.06
CA LEU A 49 -9.91 5.65 2.64
C LEU A 49 -9.63 7.05 2.05
N ARG A 50 -8.55 7.66 2.48
CA ARG A 50 -8.22 9.01 1.95
C ARG A 50 -7.42 8.90 0.66
N VAL A 51 -6.48 7.99 0.61
CA VAL A 51 -5.66 7.83 -0.62
C VAL A 51 -6.55 7.66 -1.84
N GLY A 52 -7.77 7.22 -1.64
CA GLY A 52 -8.69 7.02 -2.80
C GLY A 52 -9.14 5.56 -2.88
N VAL A 53 -8.57 4.69 -2.09
CA VAL A 53 -8.97 3.26 -2.13
C VAL A 53 -10.39 3.10 -1.56
N THR A 54 -11.37 3.71 -2.17
CA THR A 54 -12.76 3.58 -1.66
C THR A 54 -13.32 2.19 -1.96
N LEU A 55 -12.73 1.49 -2.89
CA LEU A 55 -13.23 0.13 -3.23
C LEU A 55 -13.29 -0.74 -1.96
N ALA A 56 -14.41 -1.37 -1.72
CA ALA A 56 -14.52 -2.23 -0.50
C ALA A 56 -13.62 -3.45 -0.62
N GLY A 57 -13.30 -4.08 0.47
CA GLY A 57 -12.42 -5.28 0.42
C GLY A 57 -10.98 -4.85 0.14
N HIS A 58 -10.74 -4.23 -0.97
CA HIS A 58 -9.34 -3.78 -1.28
C HIS A 58 -8.83 -2.89 -0.15
N GLN A 59 -9.70 -2.13 0.46
CA GLN A 59 -9.27 -1.25 1.58
C GLN A 59 -8.77 -2.10 2.75
N LYS A 60 -9.43 -3.19 3.03
CA LYS A 60 -8.99 -4.07 4.15
C LYS A 60 -7.89 -5.02 3.66
N LYS A 61 -7.80 -5.23 2.38
CA LYS A 61 -6.76 -6.14 1.83
C LYS A 61 -5.36 -5.53 2.07
N ILE A 62 -5.19 -4.28 1.72
CA ILE A 62 -3.86 -3.64 1.93
C ILE A 62 -3.54 -3.57 3.43
N LEU A 63 -4.56 -3.54 4.26
CA LEU A 63 -4.32 -3.47 5.73
C LEU A 63 -3.27 -4.51 6.16
N ASN A 64 -3.37 -5.72 5.66
CA ASN A 64 -2.38 -6.76 6.04
C ASN A 64 -1.11 -6.60 5.19
N SER A 65 -1.21 -5.94 4.07
CA SER A 65 -0.01 -5.76 3.19
C SER A 65 0.90 -4.68 3.78
N ILE A 66 0.34 -3.55 4.15
CA ILE A 66 1.18 -2.46 4.73
C ILE A 66 2.06 -3.01 5.87
N GLN A 67 1.64 -4.09 6.48
CA GLN A 67 2.45 -4.67 7.59
C GLN A 67 3.71 -5.36 7.03
N VAL A 68 3.70 -5.72 5.77
CA VAL A 68 4.90 -6.40 5.20
C VAL A 68 6.14 -5.51 5.40
N MET A 69 5.94 -4.23 5.60
CA MET A 69 7.10 -3.32 5.81
C MET A 69 7.44 -3.22 7.30
N ARG A 70 6.48 -2.86 8.11
CA ARG A 70 6.74 -2.75 9.57
C ARG A 70 7.19 -4.10 10.13
N ALA A 71 6.86 -5.17 9.46
CA ALA A 71 7.26 -6.51 9.96
C ALA A 71 8.78 -6.61 10.06
N GLN A 72 9.48 -6.31 8.99
CA GLN A 72 10.96 -6.38 9.02
C GLN A 72 11.56 -5.06 9.54
N MET A 73 10.80 -4.00 9.47
CA MET A 73 11.32 -2.69 9.96
C MET A 73 11.27 -2.63 11.49
N TYR A 7 9.72 -11.18 1.35
CA TYR A 7 9.20 -10.45 0.16
C TYR A 7 10.21 -9.39 -0.30
N THR A 8 11.48 -9.60 -0.06
CA THR A 8 12.49 -8.59 -0.47
C THR A 8 12.81 -8.73 -1.97
N SER A 9 11.80 -8.71 -2.82
CA SER A 9 12.06 -8.83 -4.28
C SER A 9 11.32 -7.73 -5.04
N PHE A 10 10.86 -6.72 -4.36
CA PHE A 10 10.14 -5.62 -5.06
C PHE A 10 11.06 -4.41 -5.24
N ASN A 11 10.87 -3.65 -6.29
CA ASN A 11 11.74 -2.47 -6.52
C ASN A 11 11.06 -1.21 -5.95
N THR A 12 9.76 -1.18 -5.96
CA THR A 12 9.03 0.01 -5.42
C THR A 12 7.59 -0.36 -5.07
N VAL A 13 6.85 0.55 -4.50
CA VAL A 13 5.43 0.24 -4.15
C VAL A 13 4.72 -0.34 -5.38
N ASP A 14 5.17 0.00 -6.55
CA ASP A 14 4.51 -0.53 -7.78
C ASP A 14 4.68 -2.05 -7.85
N GLU A 15 5.85 -2.54 -7.51
CA GLU A 15 6.07 -4.02 -7.56
C GLU A 15 5.42 -4.69 -6.34
N TRP A 16 5.24 -3.96 -5.28
CA TRP A 16 4.61 -4.54 -4.06
C TRP A 16 3.07 -4.55 -4.23
N LEU A 17 2.48 -3.42 -4.50
CA LEU A 17 1.00 -3.38 -4.65
C LEU A 17 0.56 -4.37 -5.72
N ASP A 18 1.45 -4.75 -6.60
CA ASP A 18 1.08 -5.73 -7.67
C ASP A 18 0.74 -7.08 -7.05
N ALA A 19 1.44 -7.46 -6.01
CA ALA A 19 1.17 -8.77 -5.37
C ALA A 19 -0.21 -8.76 -4.70
N ILE A 20 -0.67 -7.61 -4.28
CA ILE A 20 -2.02 -7.54 -3.63
C ILE A 20 -3.07 -7.06 -4.63
N LYS A 21 -2.80 -7.17 -5.90
CA LYS A 21 -3.79 -6.74 -6.92
C LYS A 21 -4.23 -5.28 -6.67
N MET A 22 -3.40 -4.34 -7.04
CA MET A 22 -3.76 -2.91 -6.84
C MET A 22 -3.56 -2.14 -8.15
N SER A 23 -4.38 -2.42 -9.14
CA SER A 23 -4.25 -1.71 -10.45
C SER A 23 -4.50 -0.21 -10.29
N GLN A 24 -5.66 0.17 -9.82
CA GLN A 24 -5.97 1.62 -9.66
C GLN A 24 -5.45 2.13 -8.31
N TYR A 25 -4.22 1.85 -7.99
CA TYR A 25 -3.65 2.33 -6.69
C TYR A 25 -2.21 2.80 -6.88
N LYS A 26 -1.81 3.06 -8.08
CA LYS A 26 -0.41 3.52 -8.33
C LYS A 26 -0.28 5.01 -7.98
N GLU A 27 -0.64 5.89 -8.87
CA GLU A 27 -0.53 7.34 -8.58
C GLU A 27 -1.34 7.69 -7.33
N SER A 28 -2.47 7.06 -7.14
CA SER A 28 -3.30 7.37 -5.94
C SER A 28 -2.46 7.22 -4.67
N PHE A 29 -1.58 6.25 -4.63
CA PHE A 29 -0.74 6.07 -3.42
C PHE A 29 0.37 7.12 -3.37
N ALA A 30 0.70 7.70 -4.50
CA ALA A 30 1.77 8.73 -4.53
C ALA A 30 1.29 10.01 -3.81
N SER A 31 0.01 10.27 -3.85
CA SER A 31 -0.51 11.49 -3.17
C SER A 31 -0.36 11.36 -1.66
N ALA A 32 -0.70 10.23 -1.11
CA ALA A 32 -0.57 10.05 0.37
C ALA A 32 0.90 9.93 0.76
N GLY A 33 1.72 9.45 -0.13
CA GLY A 33 3.17 9.30 0.18
C GLY A 33 3.56 7.82 0.20
N PHE A 34 2.79 6.99 -0.45
CA PHE A 34 3.11 5.53 -0.48
C PHE A 34 3.92 5.20 -1.74
N THR A 35 4.99 5.92 -1.97
CA THR A 35 5.81 5.65 -3.18
C THR A 35 7.05 4.83 -2.82
N THR A 36 7.92 5.35 -2.01
CA THR A 36 9.14 4.58 -1.63
C THR A 36 8.79 3.53 -0.57
N PHE A 37 9.76 2.82 -0.07
CA PHE A 37 9.47 1.80 0.98
C PHE A 37 9.70 2.38 2.38
N ASP A 38 8.68 2.96 2.95
CA ASP A 38 8.82 3.57 4.31
C ASP A 38 7.49 4.24 4.72
N ILE A 39 7.13 5.34 4.10
CA ILE A 39 5.85 6.01 4.45
C ILE A 39 4.70 5.00 4.47
N VAL A 40 4.45 4.33 3.38
CA VAL A 40 3.37 3.33 3.35
C VAL A 40 3.59 2.27 4.44
N SER A 41 4.80 2.14 4.91
CA SER A 41 5.09 1.14 5.98
C SER A 41 4.91 1.79 7.36
N GLN A 42 3.86 2.54 7.54
CA GLN A 42 3.62 3.20 8.85
C GLN A 42 2.27 3.91 8.85
N MET A 43 1.22 3.22 8.47
CA MET A 43 -0.13 3.86 8.44
C MET A 43 -1.21 2.81 8.76
N THR A 44 -2.46 3.19 8.60
CA THR A 44 -3.55 2.22 8.88
C THR A 44 -4.60 2.26 7.76
N VAL A 45 -5.81 1.89 8.05
CA VAL A 45 -6.87 1.91 6.99
C VAL A 45 -7.33 3.35 6.73
N GLU A 46 -7.19 4.21 7.70
CA GLU A 46 -7.64 5.62 7.51
C GLU A 46 -6.96 6.23 6.28
N ASP A 47 -5.71 5.88 6.05
CA ASP A 47 -4.99 6.44 4.87
C ASP A 47 -5.46 5.76 3.59
N ILE A 48 -5.89 4.53 3.69
CA ILE A 48 -6.37 3.81 2.48
C ILE A 48 -7.59 4.51 1.88
N LEU A 49 -8.54 4.85 2.71
CA LEU A 49 -9.76 5.55 2.19
C LEU A 49 -9.40 6.93 1.66
N ARG A 50 -8.32 7.50 2.15
CA ARG A 50 -7.92 8.85 1.67
C ARG A 50 -7.37 8.78 0.24
N VAL A 51 -6.45 7.88 0.00
CA VAL A 51 -5.88 7.74 -1.36
C VAL A 51 -6.99 7.49 -2.38
N GLY A 52 -8.12 7.00 -1.94
CA GLY A 52 -9.24 6.73 -2.88
C GLY A 52 -9.51 5.23 -2.93
N VAL A 53 -9.17 4.52 -1.89
CA VAL A 53 -9.43 3.05 -1.89
C VAL A 53 -10.80 2.75 -1.29
N THR A 54 -11.80 3.50 -1.66
CA THR A 54 -13.17 3.27 -1.11
C THR A 54 -13.65 1.87 -1.49
N LEU A 55 -13.08 1.29 -2.51
CA LEU A 55 -13.52 -0.09 -2.92
C LEU A 55 -13.45 -1.03 -1.72
N ALA A 56 -14.55 -1.65 -1.37
CA ALA A 56 -14.55 -2.59 -0.22
C ALA A 56 -13.57 -3.74 -0.47
N GLY A 57 -13.17 -4.43 0.55
CA GLY A 57 -12.22 -5.56 0.37
C GLY A 57 -10.84 -5.01 0.01
N HIS A 58 -10.72 -4.34 -1.10
CA HIS A 58 -9.39 -3.78 -1.50
C HIS A 58 -8.85 -2.91 -0.37
N GLN A 59 -9.70 -2.17 0.28
CA GLN A 59 -9.23 -1.31 1.41
C GLN A 59 -8.67 -2.18 2.53
N LYS A 60 -9.32 -3.29 2.81
CA LYS A 60 -8.82 -4.19 3.88
C LYS A 60 -7.67 -5.05 3.35
N LYS A 61 -7.63 -5.25 2.06
CA LYS A 61 -6.54 -6.08 1.47
C LYS A 61 -5.18 -5.43 1.74
N ILE A 62 -5.02 -4.18 1.36
CA ILE A 62 -3.72 -3.50 1.60
C ILE A 62 -3.47 -3.37 3.10
N LEU A 63 -4.50 -3.39 3.89
CA LEU A 63 -4.31 -3.28 5.38
C LEU A 63 -3.28 -4.30 5.86
N ASN A 64 -3.41 -5.52 5.42
CA ASN A 64 -2.42 -6.56 5.85
C ASN A 64 -1.09 -6.36 5.13
N SER A 65 -1.12 -5.70 4.00
CA SER A 65 0.16 -5.45 3.25
C SER A 65 0.98 -4.38 3.97
N ILE A 66 0.36 -3.36 4.46
CA ILE A 66 1.12 -2.29 5.18
C ILE A 66 1.98 -2.92 6.28
N GLN A 67 1.61 -4.09 6.75
CA GLN A 67 2.40 -4.74 7.81
C GLN A 67 3.61 -5.48 7.21
N VAL A 68 3.55 -5.80 5.95
CA VAL A 68 4.71 -6.52 5.33
C VAL A 68 5.99 -5.72 5.53
N MET A 69 5.86 -4.43 5.75
CA MET A 69 7.08 -3.61 5.93
C MET A 69 7.46 -3.55 7.42
N ARG A 70 6.54 -3.14 8.25
CA ARG A 70 6.84 -3.05 9.71
C ARG A 70 7.14 -4.45 10.27
N ALA A 71 6.66 -5.47 9.61
CA ALA A 71 6.91 -6.86 10.10
C ALA A 71 8.41 -7.16 10.09
N GLN A 72 9.06 -6.96 8.99
CA GLN A 72 10.53 -7.24 8.92
C GLN A 72 11.33 -6.02 9.39
N MET A 73 10.72 -4.86 9.39
CA MET A 73 11.45 -3.65 9.86
C MET A 73 11.40 -3.54 11.38
#